data_8OP3
#
_entry.id   8OP3
#
_cell.length_a   1.00
_cell.length_b   1.00
_cell.length_c   1.00
_cell.angle_alpha   90.00
_cell.angle_beta   90.00
_cell.angle_gamma   90.00
#
_symmetry.space_group_name_H-M   'P 1'
#
_entity_poly.entity_id   1
_entity_poly.type   'polypeptide(L)'
_entity_poly.pdbx_seq_one_letter_code
;MAPLVDNPQIKSAELLRPLPLYQHAYVWPYVIVWPVFLRVYLTQELYDKYIGAQEWTFVWIISIVTFQTLTWLCTHWSVN
LNALFTAKKASSIEDAQLIKVIPVANAGAADICKLVRDKVGDNKTNISFLFQKRRFLWYPERKAFSTLEFDIDAEPKPTL
SKFQLSRGIESEDELKRLEQHYGTNTFDIPVPTFTELFKEHAVAPFFVFQVFCVGLWLLDEYWYYSLFTLVMLVVFESTV
VWQRQRTLTEFRSMSIKPYPIYVYRLGKWTEIQSDKLLPGDLVSVTRTKEDSGVACDMILVEGTAIVNEAMLSGESTPLL
KDSIQLRPGDAVLEVDGLDKNSLLWGGTKVLQITHGTAEEERPKPASGIPPPPDNGAMAVVTKTGFETSQGSLVRTMIYS
TERVSANNTEALLFILFLLVFALAASWYVWDEGVRKDRKRSKLLLDCILIITSVVPPELPMELSLAVNTSLSALAKFAIF
CTEPFRIPFAGRIDVACFDKTGTLTGEDLVVEGIAGLGLGHSGTDTPKEADGAHTRMVSVHDAGMETTLVLATAHALVKL
DEGEIVGDPMEKATLNALGWVLGKNDTLTSKPGNAASSGILGTVQIKRRFQFSSALKRQSSVATITATEVKTGRKLRGSF
VGVKGAPETIMKMLVTVPEHYEETYKYFTRRGSRVLALAYKQLTTEGELGANKINDLKRESVEADLHFAGFLVLQCPLKE
DAKQAVRMLNESSHRVVMITGDNPLTAVHVAKEVEIVDRDVLILDAPEHSVYGEESLVWRSVDDKIRIDVDPTKPIDPEI
LKTKDLCVTGYALNKFKGQVGWKSLLRYTWVYARVSPKQKEDILLGLKDMGYYTLMAGDGTNDVGALKQAHVGVALLNGT
QEDLNRIAEHTRNQKMKELYQKQVDLMARWGQPPPPVPAMIAHLYPPGPSNPHYQKAMEREAQKRGVTVEQLAKVNGTNV
TSNPAGVQQQSGQDAKKAKQVEAAKKAANFADKLTSSLMEAEMDDEPPTLKLGDASVAAPFTSKLRNVMAIPNILRQGRC
TLVATIQMYKILALNCLISAYSLSVLYLEGIKFGDGQITISGMLMSVCFLSISRARSVEGLSKERPQPNIFNFYIIGSIL
GQFAVHVATLIYIAQLCDQIEPRTEVIDLEAEFKPSLLNSAVYLLQLIQQISTFAVNYQGRPFRESLSENKGMFYGIVGV
TAIAFACSTEMLPELNEAMKLVPFNENFKTIMTTVMIIDFVACYVIEWVLKKLFSDLRARDIAERRPDQLERERVRKEKE
AREKEEEEERKERERIEAFERRLEEKRTRLVEAAAQREQQQQQWAQRR
;
_entity_poly.pdbx_strand_id   A
#
# COMPACT_ATOMS: atom_id res chain seq x y z
N PRO A 3 17.23 23.81 -6.93
CA PRO A 3 18.49 23.98 -6.18
C PRO A 3 18.89 22.73 -5.42
N LEU A 4 18.55 21.56 -5.98
CA LEU A 4 18.90 20.26 -5.41
C LEU A 4 18.35 20.13 -3.98
N VAL A 5 17.01 20.11 -3.90
CA VAL A 5 16.34 20.00 -2.62
C VAL A 5 16.69 18.68 -1.96
N ASP A 6 16.67 18.66 -0.63
CA ASP A 6 17.06 17.49 0.16
C ASP A 6 15.80 16.76 0.58
N ASN A 7 15.38 15.79 -0.23
CA ASN A 7 14.20 14.99 0.05
C ASN A 7 14.29 13.72 -0.77
N PRO A 8 14.06 12.55 -0.17
CA PRO A 8 14.09 11.30 -0.95
C PRO A 8 12.99 11.21 -2.00
N GLN A 9 11.93 12.02 -1.90
CA GLN A 9 10.77 11.90 -2.76
C GLN A 9 10.78 12.90 -3.92
N ILE A 10 11.86 13.66 -4.10
CA ILE A 10 11.94 14.66 -5.16
C ILE A 10 13.17 14.37 -6.01
N LYS A 11 12.99 14.41 -7.33
CA LYS A 11 14.04 14.02 -8.27
C LYS A 11 14.95 15.17 -8.66
N SER A 12 14.40 16.34 -8.97
CA SER A 12 15.21 17.46 -9.44
C SER A 12 14.48 18.76 -9.12
N ALA A 13 15.14 19.88 -9.42
CA ALA A 13 14.58 21.20 -9.18
C ALA A 13 15.22 22.20 -10.12
N GLU A 14 14.56 23.34 -10.28
CA GLU A 14 15.04 24.40 -11.17
C GLU A 14 14.41 25.72 -10.74
N LEU A 15 15.13 26.81 -11.00
CA LEU A 15 14.68 28.14 -10.65
C LEU A 15 14.28 28.91 -11.91
N LEU A 16 13.15 29.60 -11.83
CA LEU A 16 12.61 30.32 -12.98
C LEU A 16 12.16 31.71 -12.55
N ARG A 17 12.03 32.61 -13.52
CA ARG A 17 11.43 33.91 -13.33
C ARG A 17 10.23 34.08 -14.26
N PRO A 18 9.18 34.76 -13.82
CA PRO A 18 8.03 35.00 -14.70
C PRO A 18 8.36 35.99 -15.81
N LEU A 19 7.61 35.89 -16.89
CA LEU A 19 7.74 36.78 -18.03
C LEU A 19 6.42 37.47 -18.32
N PRO A 20 6.46 38.67 -18.88
CA PRO A 20 5.20 39.38 -19.20
C PRO A 20 4.44 38.69 -20.32
N LEU A 21 3.16 39.05 -20.42
CA LEU A 21 2.27 38.45 -21.42
C LEU A 21 2.72 38.72 -22.85
N TYR A 22 3.47 39.81 -23.06
CA TYR A 22 3.95 40.12 -24.40
C TYR A 22 4.95 39.09 -24.90
N GLN A 23 5.80 38.58 -24.01
CA GLN A 23 6.88 37.67 -24.39
C GLN A 23 6.50 36.21 -24.26
N HIS A 24 5.26 35.89 -23.95
CA HIS A 24 4.82 34.50 -23.90
C HIS A 24 4.89 33.87 -25.29
N ALA A 25 5.23 32.58 -25.33
CA ALA A 25 5.50 31.91 -26.59
C ALA A 25 4.24 31.68 -27.44
N TYR A 26 3.05 31.87 -26.87
CA TYR A 26 1.81 31.72 -27.61
C TYR A 26 1.18 33.07 -27.96
N VAL A 27 1.95 34.14 -27.94
CA VAL A 27 1.43 35.46 -28.26
C VAL A 27 2.21 36.09 -29.41
N TRP A 28 3.51 36.30 -29.21
CA TRP A 28 4.29 37.09 -30.16
C TRP A 28 4.41 36.50 -31.57
N PRO A 29 4.65 35.20 -31.80
CA PRO A 29 4.73 34.73 -33.20
C PRO A 29 3.41 34.87 -33.93
N TYR A 30 2.29 34.70 -33.23
CA TYR A 30 0.99 34.88 -33.87
C TYR A 30 0.70 36.35 -34.13
N VAL A 31 1.18 37.24 -33.25
CA VAL A 31 1.10 38.68 -33.50
C VAL A 31 1.92 39.04 -34.74
N ILE A 32 3.03 38.35 -34.96
CA ILE A 32 3.81 38.58 -36.18
C ILE A 32 3.06 38.06 -37.40
N VAL A 33 2.48 36.86 -37.31
CA VAL A 33 2.04 36.15 -38.51
C VAL A 33 0.60 36.49 -38.93
N TRP A 34 -0.24 36.96 -37.99
CA TRP A 34 -1.63 37.27 -38.35
C TRP A 34 -1.77 38.42 -39.35
N PRO A 35 -1.09 39.57 -39.20
CA PRO A 35 -1.19 40.60 -40.26
C PRO A 35 -0.67 40.14 -41.61
N VAL A 36 0.28 39.19 -41.64
CA VAL A 36 0.73 38.64 -42.92
C VAL A 36 -0.42 37.92 -43.62
N PHE A 37 -1.16 37.10 -42.86
CA PHE A 37 -2.31 36.40 -43.43
C PHE A 37 -3.39 37.38 -43.85
N LEU A 38 -3.63 38.42 -43.05
CA LEU A 38 -4.62 39.43 -43.42
C LEU A 38 -4.22 40.18 -44.68
N ARG A 39 -2.94 40.51 -44.83
CA ARG A 39 -2.46 41.17 -46.05
C ARG A 39 -2.61 40.26 -47.25
N VAL A 40 -2.29 38.98 -47.10
CA VAL A 40 -2.41 38.03 -48.20
C VAL A 40 -3.86 37.86 -48.62
N TYR A 41 -4.78 37.75 -47.65
CA TYR A 41 -6.18 37.50 -47.97
C TYR A 41 -6.85 38.77 -48.51
N LEU A 42 -6.44 39.94 -48.04
CA LEU A 42 -7.13 41.17 -48.39
C LEU A 42 -6.69 41.73 -49.75
N THR A 43 -5.41 42.10 -49.86
CA THR A 43 -4.98 42.91 -51.00
C THR A 43 -3.80 42.33 -51.77
N GLN A 44 -2.98 41.50 -51.11
CA GLN A 44 -1.76 41.02 -51.75
C GLN A 44 -2.05 40.13 -52.94
N GLU A 45 -3.07 39.28 -52.84
CA GLU A 45 -3.47 38.35 -53.90
C GLU A 45 -2.34 37.41 -54.30
N LEU A 46 -1.51 37.01 -53.34
CA LEU A 46 -0.44 36.04 -53.58
C LEU A 46 -1.04 34.65 -53.48
N TYR A 47 -1.67 34.23 -54.57
CA TYR A 47 -2.40 32.97 -54.61
C TYR A 47 -1.55 31.80 -55.08
N ASP A 48 -0.25 32.00 -55.29
CA ASP A 48 0.64 30.88 -55.59
C ASP A 48 0.74 29.94 -54.39
N LYS A 49 0.89 30.49 -53.20
CA LYS A 49 0.85 29.71 -51.97
C LYS A 49 -0.57 29.69 -51.39
N TYR A 50 -1.52 29.33 -52.23
CA TYR A 50 -2.95 29.39 -51.91
C TYR A 50 -3.68 28.59 -52.97
N ILE A 51 -5.00 28.45 -52.80
CA ILE A 51 -5.86 27.76 -53.75
C ILE A 51 -6.93 28.70 -54.31
N GLY A 52 -7.71 29.33 -53.43
CA GLY A 52 -8.65 30.34 -53.86
C GLY A 52 -10.05 30.23 -53.29
N ALA A 53 -10.48 29.01 -52.97
CA ALA A 53 -11.85 28.80 -52.53
C ALA A 53 -12.05 29.29 -51.10
N GLN A 54 -13.32 29.47 -50.73
CA GLN A 54 -13.67 29.83 -49.36
C GLN A 54 -13.35 28.70 -48.38
N GLU A 55 -13.43 27.45 -48.85
CA GLU A 55 -13.11 26.31 -48.00
C GLU A 55 -11.65 26.34 -47.59
N TRP A 56 -10.76 26.77 -48.48
CA TRP A 56 -9.35 26.85 -48.12
C TRP A 56 -9.07 28.01 -47.16
N THR A 57 -9.84 29.10 -47.26
CA THR A 57 -9.75 30.15 -46.24
C THR A 57 -10.18 29.62 -44.88
N PHE A 58 -11.26 28.84 -44.86
CA PHE A 58 -11.70 28.19 -43.62
C PHE A 58 -10.63 27.26 -43.08
N VAL A 59 -9.98 26.50 -43.96
CA VAL A 59 -8.92 25.57 -43.55
C VAL A 59 -7.75 26.34 -42.95
N TRP A 60 -7.34 27.43 -43.59
CA TRP A 60 -6.23 28.23 -43.06
C TRP A 60 -6.56 28.82 -41.69
N ILE A 61 -7.77 29.36 -41.54
CA ILE A 61 -8.18 29.96 -40.26
C ILE A 61 -8.22 28.89 -39.18
N ILE A 62 -8.79 27.72 -39.49
CA ILE A 62 -8.88 26.64 -38.52
C ILE A 62 -7.48 26.16 -38.13
N SER A 63 -6.58 26.05 -39.10
CA SER A 63 -5.22 25.59 -38.81
C SER A 63 -4.49 26.57 -37.91
N ILE A 64 -4.61 27.87 -38.19
CA ILE A 64 -3.93 28.88 -37.37
C ILE A 64 -4.48 28.89 -35.95
N VAL A 65 -5.81 28.85 -35.80
CA VAL A 65 -6.42 28.84 -34.48
C VAL A 65 -6.05 27.57 -33.72
N THR A 66 -6.01 26.43 -34.43
CA THR A 66 -5.64 25.17 -33.80
C THR A 66 -4.20 25.19 -33.30
N PHE A 67 -3.29 25.73 -34.11
CA PHE A 67 -1.89 25.85 -33.67
C PHE A 67 -1.77 26.76 -32.46
N GLN A 68 -2.49 27.89 -32.46
CA GLN A 68 -2.41 28.82 -31.33
C GLN A 68 -2.94 28.19 -30.05
N THR A 69 -4.12 27.57 -30.11
CA THR A 69 -4.68 26.98 -28.92
C THR A 69 -3.92 25.72 -28.48
N LEU A 70 -3.26 25.02 -29.41
CA LEU A 70 -2.43 23.89 -29.03
C LEU A 70 -1.18 24.35 -28.30
N THR A 71 -0.54 25.41 -28.80
CA THR A 71 0.61 25.98 -28.11
C THR A 71 0.22 26.52 -26.74
N TRP A 72 -1.00 27.05 -26.60
CA TRP A 72 -1.45 27.49 -25.28
C TRP A 72 -1.68 26.31 -24.34
N LEU A 73 -2.37 25.27 -24.82
CA LEU A 73 -2.71 24.14 -23.96
C LEU A 73 -1.51 23.27 -23.61
N CYS A 74 -0.43 23.34 -24.40
CA CYS A 74 0.77 22.60 -24.05
C CYS A 74 1.39 23.07 -22.74
N THR A 75 1.16 24.33 -22.35
CA THR A 75 1.63 24.80 -21.05
C THR A 75 0.89 24.12 -19.91
N HIS A 76 -0.42 23.93 -20.05
CA HIS A 76 -1.20 23.23 -19.03
C HIS A 76 -0.98 21.73 -19.03
N TRP A 77 -0.65 21.14 -20.19
CA TRP A 77 -0.51 19.69 -20.25
C TRP A 77 0.76 19.20 -19.57
N SER A 78 1.87 19.90 -19.71
CA SER A 78 3.14 19.47 -19.16
C SER A 78 3.84 20.64 -18.47
N VAL A 79 4.71 20.30 -17.53
CA VAL A 79 5.38 21.32 -16.74
C VAL A 79 6.67 21.80 -17.40
N ASN A 80 7.32 20.97 -18.21
CA ASN A 80 8.54 21.39 -18.89
C ASN A 80 8.24 22.42 -19.96
N LEU A 81 7.17 22.20 -20.73
CA LEU A 81 6.77 23.20 -21.72
C LEU A 81 6.20 24.45 -21.06
N ASN A 82 5.64 24.32 -19.85
CA ASN A 82 5.26 25.50 -19.08
C ASN A 82 6.49 26.31 -18.68
N ALA A 83 7.56 25.62 -18.27
CA ALA A 83 8.78 26.31 -17.88
C ALA A 83 9.53 26.88 -19.09
N LEU A 84 9.35 26.31 -20.27
CA LEU A 84 10.02 26.78 -21.47
C LEU A 84 9.26 27.88 -22.21
N PHE A 85 7.96 27.70 -22.44
CA PHE A 85 7.20 28.66 -23.24
C PHE A 85 6.95 29.95 -22.48
N THR A 86 6.54 29.86 -21.21
CA THR A 86 6.12 31.03 -20.44
C THR A 86 7.26 31.62 -19.61
N ALA A 87 7.92 30.81 -18.80
CA ALA A 87 8.99 31.29 -17.94
C ALA A 87 10.34 31.10 -18.61
N LYS A 88 11.39 31.53 -17.91
CA LYS A 88 12.76 31.31 -18.36
C LYS A 88 13.67 31.26 -17.14
N LYS A 89 14.81 30.62 -17.30
CA LYS A 89 15.67 30.30 -16.16
C LYS A 89 16.28 31.56 -15.56
N ALA A 90 16.43 31.55 -14.24
CA ALA A 90 17.00 32.66 -13.50
C ALA A 90 18.47 32.36 -13.14
N SER A 91 19.12 33.37 -12.56
CA SER A 91 20.53 33.22 -12.20
C SER A 91 20.69 32.35 -10.97
N SER A 92 20.11 32.77 -9.85
CA SER A 92 20.23 32.04 -8.59
C SER A 92 19.05 32.44 -7.69
N ILE A 93 19.17 32.13 -6.40
CA ILE A 93 18.07 32.35 -5.46
C ILE A 93 17.79 33.82 -5.17
N GLU A 94 18.69 34.72 -5.58
CA GLU A 94 18.51 36.13 -5.22
C GLU A 94 17.42 36.82 -6.03
N ASP A 95 17.13 36.34 -7.24
CA ASP A 95 16.17 37.00 -8.11
C ASP A 95 15.07 36.07 -8.64
N ALA A 96 15.11 34.79 -8.32
CA ALA A 96 14.10 33.87 -8.80
C ALA A 96 12.82 33.99 -7.97
N GLN A 97 11.67 33.91 -8.65
CA GLN A 97 10.39 33.94 -7.99
C GLN A 97 9.59 32.66 -8.13
N LEU A 98 9.96 31.77 -9.04
CA LEU A 98 9.26 30.51 -9.25
C LEU A 98 10.27 29.37 -9.13
N ILE A 99 9.75 28.20 -8.76
CA ILE A 99 10.56 26.98 -8.66
C ILE A 99 9.78 25.84 -9.28
N LYS A 100 10.50 24.96 -9.98
CA LYS A 100 9.92 23.77 -10.59
C LYS A 100 10.37 22.55 -9.79
N VAL A 101 9.41 21.72 -9.39
CA VAL A 101 9.68 20.55 -8.56
C VAL A 101 9.18 19.31 -9.29
N ILE A 102 10.06 18.37 -9.54
CA ILE A 102 9.71 17.10 -10.18
C ILE A 102 9.89 15.98 -9.17
N PRO A 103 8.82 15.30 -8.77
CA PRO A 103 8.91 14.29 -7.71
C PRO A 103 9.50 12.98 -8.26
N VAL A 104 9.53 11.98 -7.37
CA VAL A 104 10.02 10.65 -7.73
C VAL A 104 8.92 9.95 -8.54
N ALA A 105 9.26 8.80 -9.13
CA ALA A 105 8.40 8.17 -10.13
C ALA A 105 7.01 7.80 -9.61
N ASN A 106 6.82 7.68 -8.30
CA ASN A 106 5.52 7.32 -7.75
C ASN A 106 5.16 8.21 -6.56
N ALA A 107 5.32 9.52 -6.71
CA ALA A 107 4.99 10.47 -5.67
C ALA A 107 3.96 11.52 -6.08
N GLY A 108 3.48 11.48 -7.32
CA GLY A 108 2.50 12.45 -7.76
C GLY A 108 2.84 13.09 -9.08
N ALA A 109 2.46 14.36 -9.25
CA ALA A 109 2.68 15.10 -10.48
C ALA A 109 3.52 16.33 -10.22
N ALA A 110 4.42 16.65 -11.15
CA ALA A 110 5.24 17.83 -11.04
C ALA A 110 4.38 19.10 -11.19
N ASP A 111 4.80 20.16 -10.51
CA ASP A 111 4.04 21.40 -10.51
C ASP A 111 4.97 22.56 -10.26
N ILE A 112 4.63 23.72 -10.81
CA ILE A 112 5.37 24.95 -10.57
C ILE A 112 4.92 25.55 -9.25
N CYS A 113 5.85 25.74 -8.32
CA CYS A 113 5.55 26.25 -6.99
C CYS A 113 6.03 27.69 -6.87
N LYS A 114 5.20 28.53 -6.26
CA LYS A 114 5.51 29.95 -6.11
C LYS A 114 6.31 30.19 -4.84
N LEU A 115 7.33 31.04 -4.94
CA LEU A 115 8.13 31.44 -3.80
C LEU A 115 7.47 32.57 -3.04
N VAL A 116 7.54 32.51 -1.71
CA VAL A 116 7.08 33.57 -0.84
C VAL A 116 8.22 33.95 0.10
N ARG A 117 8.50 35.25 0.20
CA ARG A 117 9.62 35.75 0.98
C ARG A 117 9.12 36.47 2.22
N ASP A 118 9.62 36.05 3.38
CA ASP A 118 9.25 36.64 4.65
C ASP A 118 10.51 36.90 5.47
N LYS A 119 10.51 37.99 6.20
CA LYS A 119 11.65 38.37 7.03
C LYS A 119 11.28 38.45 8.50
N THR A 125 14.14 37.37 4.48
CA THR A 125 15.29 36.56 4.81
C THR A 125 14.98 35.08 4.63
N ASN A 126 13.78 34.67 5.03
CA ASN A 126 13.33 33.29 4.91
C ASN A 126 12.64 33.09 3.57
N ILE A 127 13.03 32.02 2.87
CA ILE A 127 12.46 31.67 1.57
C ILE A 127 11.79 30.32 1.70
N SER A 128 10.53 30.24 1.30
CA SER A 128 9.74 29.02 1.48
C SER A 128 8.76 28.86 0.33
N PHE A 129 8.37 27.62 0.09
CA PHE A 129 7.33 27.31 -0.88
C PHE A 129 6.58 26.06 -0.41
N LEU A 130 5.36 25.90 -0.91
CA LEU A 130 4.51 24.79 -0.52
C LEU A 130 4.42 23.80 -1.68
N PHE A 131 4.74 22.54 -1.41
CA PHE A 131 4.62 21.47 -2.39
C PHE A 131 3.88 20.31 -1.74
N GLN A 132 2.71 19.97 -2.32
CA GLN A 132 1.84 18.91 -1.80
C GLN A 132 1.49 19.13 -0.34
N LYS A 133 1.17 20.38 0.01
CA LYS A 133 0.80 20.83 1.35
C LYS A 133 1.92 20.64 2.37
N ARG A 134 3.14 20.37 1.93
CA ARG A 134 4.29 20.24 2.82
C ARG A 134 5.20 21.45 2.64
N ARG A 135 5.64 22.02 3.76
CA ARG A 135 6.39 23.27 3.74
C ARG A 135 7.89 22.97 3.64
N PHE A 136 8.55 23.63 2.69
CA PHE A 136 9.99 23.56 2.53
C PHE A 136 10.62 24.89 2.89
N LEU A 137 11.87 24.85 3.33
CA LEU A 137 12.57 26.05 3.76
C LEU A 137 13.96 26.09 3.11
N TRP A 138 14.47 27.30 2.92
CA TRP A 138 15.76 27.53 2.29
C TRP A 138 16.79 27.82 3.38
N TYR A 139 17.80 26.95 3.47
CA TYR A 139 18.87 27.14 4.44
C TYR A 139 20.11 27.63 3.72
N PRO A 140 20.54 28.87 3.93
CA PRO A 140 21.70 29.40 3.19
C PRO A 140 23.00 28.73 3.53
N GLU A 141 23.14 28.15 4.73
CA GLU A 141 24.38 27.48 5.10
C GLU A 141 24.56 26.15 4.37
N ARG A 142 23.47 25.57 3.86
CA ARG A 142 23.54 24.33 3.11
C ARG A 142 23.34 24.52 1.60
N LYS A 143 22.91 25.72 1.19
CA LYS A 143 22.71 26.06 -0.23
C LYS A 143 21.71 25.11 -0.90
N ALA A 144 20.69 24.69 -0.16
CA ALA A 144 19.68 23.78 -0.70
C ALA A 144 18.42 23.92 0.11
N PHE A 145 17.31 23.49 -0.49
CA PHE A 145 16.03 23.44 0.20
C PHE A 145 15.87 22.13 0.94
N SER A 146 15.16 22.18 2.06
CA SER A 146 14.87 20.98 2.84
C SER A 146 13.65 21.26 3.71
N THR A 147 13.08 20.19 4.25
CA THR A 147 11.88 20.30 5.07
C THR A 147 12.23 20.94 6.42
N LEU A 148 11.19 21.17 7.22
CA LEU A 148 11.38 21.79 8.53
C LEU A 148 12.10 20.84 9.48
N GLU A 149 12.90 21.41 10.38
CA GLU A 149 13.64 20.66 11.37
C GLU A 149 13.02 20.89 12.74
N PHE A 150 12.76 19.81 13.46
CA PHE A 150 12.20 19.88 14.80
C PHE A 150 13.25 19.46 15.83
N ASP A 151 12.94 19.76 17.09
CA ASP A 151 13.92 19.52 18.15
C ASP A 151 14.11 18.04 18.45
N ILE A 152 13.10 17.22 18.15
CA ILE A 152 13.20 15.78 18.41
C ILE A 152 13.84 15.01 17.28
N ASP A 153 14.02 15.61 16.11
CA ASP A 153 14.56 14.94 14.94
C ASP A 153 15.89 15.53 14.49
N ALA A 154 16.71 15.96 15.43
CA ALA A 154 18.04 16.45 15.10
C ALA A 154 18.97 15.28 14.75
N GLU A 155 19.99 15.59 13.96
CA GLU A 155 20.99 14.58 13.63
C GLU A 155 21.73 14.06 14.87
N PRO A 156 22.20 14.90 15.82
CA PRO A 156 22.55 14.34 17.14
C PRO A 156 21.32 14.31 18.04
N LYS A 157 21.01 13.14 18.59
CA LYS A 157 19.80 13.00 19.39
C LYS A 157 19.96 13.75 20.71
N PRO A 158 19.07 14.69 21.04
CA PRO A 158 19.20 15.42 22.30
C PRO A 158 18.96 14.53 23.50
N THR A 159 19.63 14.86 24.60
CA THR A 159 19.46 14.11 25.84
C THR A 159 18.15 14.50 26.53
N LEU A 160 17.81 13.75 27.56
CA LEU A 160 16.58 13.99 28.30
C LEU A 160 16.64 15.24 29.18
N SER A 161 17.82 15.82 29.36
CA SER A 161 17.92 17.09 30.08
C SER A 161 17.32 18.23 29.29
N LYS A 162 17.16 18.07 27.97
CA LYS A 162 16.48 19.07 27.16
C LYS A 162 15.02 19.19 27.54
N PHE A 163 14.36 18.06 27.80
CA PHE A 163 12.92 18.04 28.07
C PHE A 163 12.58 18.03 29.54
N GLN A 164 13.41 17.45 30.39
CA GLN A 164 13.09 17.36 31.82
C GLN A 164 13.13 18.72 32.50
N LEU A 165 14.00 19.61 32.05
CA LEU A 165 14.15 20.94 32.64
C LEU A 165 13.57 22.03 31.75
N SER A 166 12.73 21.67 30.78
CA SER A 166 12.12 22.66 29.91
C SER A 166 11.11 23.50 30.67
N ARG A 167 11.04 24.78 30.31
CA ARG A 167 10.13 25.72 30.96
C ARG A 167 9.18 26.38 29.96
N GLY A 168 9.00 25.79 28.78
CA GLY A 168 8.06 26.34 27.83
C GLY A 168 8.60 27.58 27.14
N ILE A 169 7.72 28.54 26.88
CA ILE A 169 8.07 29.78 26.21
C ILE A 169 8.15 30.89 27.25
N GLU A 170 9.27 31.62 27.26
CA GLU A 170 9.54 32.63 28.28
C GLU A 170 9.52 34.05 27.74
N SER A 171 9.50 34.25 26.43
CA SER A 171 9.57 35.59 25.86
C SER A 171 8.57 35.73 24.72
N GLU A 172 8.12 36.96 24.49
CA GLU A 172 7.12 37.22 23.46
C GLU A 172 7.73 37.20 22.07
N ASP A 173 8.95 37.71 21.91
CA ASP A 173 9.58 37.68 20.60
C ASP A 173 9.91 36.26 20.17
N GLU A 174 10.24 35.38 21.12
CA GLU A 174 10.40 33.96 20.82
C GLU A 174 9.08 33.37 20.33
N LEU A 175 7.97 33.75 20.96
CA LEU A 175 6.66 33.29 20.53
C LEU A 175 6.36 33.75 19.10
N LYS A 176 6.66 35.01 18.79
CA LYS A 176 6.43 35.52 17.44
C LYS A 176 7.33 34.83 16.43
N ARG A 177 8.58 34.56 16.79
CA ARG A 177 9.49 33.85 15.91
C ARG A 177 9.00 32.45 15.62
N LEU A 178 8.53 31.74 16.66
CA LEU A 178 7.98 30.39 16.45
C LEU A 178 6.72 30.43 15.61
N GLU A 179 5.88 31.46 15.80
CA GLU A 179 4.67 31.58 15.00
C GLU A 179 5.00 31.81 13.53
N GLN A 180 6.01 32.64 13.24
CA GLN A 180 6.40 32.86 11.85
C GLN A 180 7.12 31.65 11.26
N HIS A 181 7.81 30.86 12.09
CA HIS A 181 8.60 29.75 11.58
C HIS A 181 7.75 28.52 11.32
N TYR A 182 6.95 28.09 12.31
CA TYR A 182 6.27 26.81 12.24
C TYR A 182 4.82 26.90 11.79
N GLY A 183 4.16 28.04 12.00
CA GLY A 183 2.79 28.20 11.58
C GLY A 183 1.79 27.68 12.60
N THR A 184 0.52 27.68 12.19
CA THR A 184 -0.57 27.30 13.06
C THR A 184 -0.72 25.78 13.12
N ASN A 185 -1.35 25.32 14.20
CA ASN A 185 -1.56 23.89 14.44
C ASN A 185 -2.97 23.52 13.98
N THR A 186 -3.11 23.36 12.66
CA THR A 186 -4.39 23.00 12.08
C THR A 186 -4.18 22.30 10.75
N PHE A 187 -5.21 21.59 10.31
CA PHE A 187 -5.20 20.95 9.00
C PHE A 187 -5.82 21.90 7.99
N ASP A 188 -5.04 22.28 6.98
CA ASP A 188 -5.50 23.23 5.96
C ASP A 188 -5.87 22.45 4.71
N ILE A 189 -7.15 22.10 4.61
CA ILE A 189 -7.67 21.40 3.43
C ILE A 189 -8.67 22.32 2.73
N PRO A 190 -8.26 23.05 1.71
CA PRO A 190 -9.22 23.91 0.99
C PRO A 190 -10.00 23.14 -0.05
N VAL A 191 -11.32 23.28 -0.04
CA VAL A 191 -12.20 22.60 -0.99
C VAL A 191 -12.71 23.63 -2.00
N PRO A 192 -12.49 23.41 -3.30
CA PRO A 192 -13.01 24.34 -4.30
C PRO A 192 -14.43 23.98 -4.71
N THR A 193 -15.01 24.84 -5.54
CA THR A 193 -16.39 24.67 -5.98
C THR A 193 -16.43 23.84 -7.26
N PHE A 194 -17.60 23.78 -7.89
CA PHE A 194 -17.76 23.03 -9.13
C PHE A 194 -17.02 23.70 -10.29
N THR A 195 -16.96 25.03 -10.28
CA THR A 195 -16.38 25.75 -11.42
C THR A 195 -14.88 25.50 -11.54
N GLU A 196 -14.15 25.56 -10.42
CA GLU A 196 -12.70 25.35 -10.47
C GLU A 196 -12.37 23.91 -10.85
N LEU A 197 -13.12 22.94 -10.32
CA LEU A 197 -12.89 21.55 -10.67
C LEU A 197 -13.20 21.27 -12.13
N PHE A 198 -14.28 21.84 -12.66
CA PHE A 198 -14.58 21.64 -14.07
C PHE A 198 -13.58 22.35 -14.97
N LYS A 199 -13.04 23.49 -14.51
CA LYS A 199 -11.95 24.14 -15.24
C LYS A 199 -10.70 23.27 -15.24
N GLU A 200 -10.40 22.61 -14.13
CA GLU A 200 -9.27 21.69 -14.09
C GLU A 200 -9.49 20.50 -15.00
N HIS A 201 -10.71 19.97 -15.04
CA HIS A 201 -10.99 18.78 -15.84
C HIS A 201 -11.13 19.09 -17.33
N ALA A 202 -11.46 20.33 -17.69
CA ALA A 202 -11.75 20.68 -19.07
C ALA A 202 -10.49 21.02 -19.88
N VAL A 203 -9.32 21.02 -19.25
CA VAL A 203 -8.07 21.26 -19.95
C VAL A 203 -7.23 19.99 -20.07
N ALA A 204 -7.68 18.87 -19.51
CA ALA A 204 -7.01 17.60 -19.70
C ALA A 204 -6.98 17.24 -21.19
N PRO A 205 -5.89 16.62 -21.66
CA PRO A 205 -5.74 16.43 -23.12
C PRO A 205 -6.83 15.58 -23.76
N PHE A 206 -7.33 14.56 -23.07
CA PHE A 206 -8.30 13.68 -23.70
C PHE A 206 -9.68 14.30 -23.79
N PHE A 207 -10.07 15.14 -22.82
CA PHE A 207 -11.34 15.85 -22.92
C PHE A 207 -11.35 16.80 -24.11
N VAL A 208 -10.28 17.59 -24.28
CA VAL A 208 -10.23 18.52 -25.40
C VAL A 208 -10.07 17.77 -26.71
N PHE A 209 -9.39 16.61 -26.70
CA PHE A 209 -9.30 15.79 -27.90
C PHE A 209 -10.67 15.25 -28.31
N GLN A 210 -11.46 14.81 -27.34
CA GLN A 210 -12.82 14.33 -27.65
C GLN A 210 -13.71 15.46 -28.13
N VAL A 211 -13.55 16.67 -27.56
CA VAL A 211 -14.32 17.81 -28.03
C VAL A 211 -13.92 18.16 -29.47
N PHE A 212 -12.63 18.10 -29.77
CA PHE A 212 -12.16 18.34 -31.13
C PHE A 212 -12.70 17.29 -32.09
N CYS A 213 -12.75 16.03 -31.66
CA CYS A 213 -13.31 14.97 -32.51
C CYS A 213 -14.80 15.18 -32.75
N VAL A 214 -15.53 15.62 -31.72
CA VAL A 214 -16.95 15.89 -31.88
C VAL A 214 -17.17 17.02 -32.88
N GLY A 215 -16.37 18.09 -32.77
CA GLY A 215 -16.48 19.18 -33.73
C GLY A 215 -16.12 18.75 -35.15
N LEU A 216 -15.10 17.90 -35.29
CA LEU A 216 -14.71 17.41 -36.59
C LEU A 216 -15.80 16.55 -37.22
N TRP A 217 -16.44 15.69 -36.43
CA TRP A 217 -17.55 14.89 -36.95
C TRP A 217 -18.74 15.78 -37.30
N LEU A 218 -19.00 16.81 -36.49
CA LEU A 218 -20.09 17.73 -36.78
C LEU A 218 -19.84 18.55 -38.04
N LEU A 219 -18.57 18.75 -38.41
CA LEU A 219 -18.27 19.45 -39.65
C LEU A 219 -18.66 18.64 -40.89
N ASP A 220 -18.83 17.33 -40.75
CA ASP A 220 -19.15 16.46 -41.87
C ASP A 220 -20.64 16.10 -41.93
N GLU A 221 -21.49 16.95 -41.36
CA GLU A 221 -22.95 16.79 -41.40
C GLU A 221 -23.40 15.49 -40.72
N TYR A 222 -23.00 15.33 -39.46
CA TYR A 222 -23.46 14.25 -38.60
C TYR A 222 -24.02 14.89 -37.33
N TRP A 223 -25.35 14.98 -37.25
CA TRP A 223 -25.98 15.75 -36.19
C TRP A 223 -26.25 14.94 -34.93
N TYR A 224 -26.66 13.68 -35.05
CA TYR A 224 -27.03 12.90 -33.88
C TYR A 224 -25.84 12.25 -33.20
N TYR A 225 -24.85 11.79 -33.98
CA TYR A 225 -23.67 11.15 -33.42
C TYR A 225 -22.87 12.10 -32.55
N SER A 226 -22.68 13.33 -33.02
CA SER A 226 -21.93 14.32 -32.24
C SER A 226 -22.66 14.69 -30.96
N LEU A 227 -23.99 14.84 -31.03
CA LEU A 227 -24.76 15.14 -29.83
C LEU A 227 -24.69 14.01 -28.82
N PHE A 228 -24.78 12.77 -29.30
CA PHE A 228 -24.67 11.61 -28.41
C PHE A 228 -23.31 11.56 -27.74
N THR A 229 -22.24 11.77 -28.51
CA THR A 229 -20.90 11.76 -27.93
C THR A 229 -20.72 12.88 -26.91
N LEU A 230 -21.22 14.08 -27.23
CA LEU A 230 -21.10 15.21 -26.31
C LEU A 230 -21.83 14.95 -25.00
N VAL A 231 -23.04 14.40 -25.08
CA VAL A 231 -23.81 14.12 -23.87
C VAL A 231 -23.11 13.05 -23.03
N MET A 232 -22.64 11.98 -23.68
CA MET A 232 -21.96 10.90 -22.98
C MET A 232 -20.67 11.37 -22.31
N LEU A 233 -19.95 12.31 -22.92
CA LEU A 233 -18.75 12.87 -22.30
C LEU A 233 -19.09 13.79 -21.13
N VAL A 234 -20.08 14.67 -21.32
CA VAL A 234 -20.38 15.70 -20.33
C VAL A 234 -20.93 15.07 -19.04
N VAL A 235 -21.82 14.08 -19.16
CA VAL A 235 -22.39 13.50 -17.95
C VAL A 235 -21.33 12.74 -17.15
N PHE A 236 -20.40 12.07 -17.84
CA PHE A 236 -19.32 11.37 -17.15
C PHE A 236 -18.40 12.33 -16.43
N GLU A 237 -18.04 13.44 -17.08
CA GLU A 237 -17.18 14.43 -16.43
C GLU A 237 -17.87 15.05 -15.23
N SER A 238 -19.17 15.34 -15.34
CA SER A 238 -19.92 15.92 -14.22
C SER A 238 -19.98 14.94 -13.04
N THR A 239 -20.19 13.65 -13.33
CA THR A 239 -20.22 12.64 -12.27
C THR A 239 -18.87 12.56 -11.56
N VAL A 240 -17.77 12.58 -12.33
CA VAL A 240 -16.44 12.50 -11.72
C VAL A 240 -16.18 13.71 -10.84
N VAL A 241 -16.55 14.91 -11.32
CA VAL A 241 -16.31 16.13 -10.55
C VAL A 241 -17.13 16.12 -9.26
N TRP A 242 -18.40 15.68 -9.34
CA TRP A 242 -19.23 15.62 -8.13
C TRP A 242 -18.68 14.62 -7.12
N GLN A 243 -18.20 13.47 -7.59
CA GLN A 243 -17.61 12.49 -6.69
C GLN A 243 -16.36 13.04 -6.00
N ARG A 244 -15.51 13.75 -6.76
CA ARG A 244 -14.32 14.35 -6.17
C ARG A 244 -14.68 15.40 -5.13
N GLN A 245 -15.70 16.21 -5.42
CA GLN A 245 -16.15 17.23 -4.46
C GLN A 245 -16.67 16.59 -3.17
N ARG A 246 -17.45 15.50 -3.30
CA ARG A 246 -17.93 14.81 -2.11
C ARG A 246 -16.79 14.22 -1.30
N THR A 247 -15.80 13.65 -1.99
CA THR A 247 -14.64 13.09 -1.29
C THR A 247 -13.86 14.17 -0.55
N LEU A 248 -13.69 15.34 -1.18
CA LEU A 248 -13.00 16.44 -0.51
C LEU A 248 -13.76 16.94 0.71
N THR A 249 -15.09 17.01 0.61
CA THR A 249 -15.90 17.41 1.76
C THR A 249 -15.75 16.43 2.90
N GLU A 250 -15.79 15.13 2.59
CA GLU A 250 -15.62 14.11 3.63
C GLU A 250 -14.24 14.18 4.25
N PHE A 251 -13.21 14.45 3.43
CA PHE A 251 -11.86 14.60 3.95
C PHE A 251 -11.76 15.79 4.90
N ARG A 252 -12.40 16.90 4.55
CA ARG A 252 -12.39 18.07 5.42
C ARG A 252 -13.13 17.80 6.73
N SER A 253 -14.20 17.00 6.68
CA SER A 253 -15.06 16.82 7.84
C SER A 253 -14.38 16.11 9.02
N MET A 254 -13.23 15.49 8.83
CA MET A 254 -12.59 14.72 9.89
C MET A 254 -11.58 15.50 10.71
N SER A 255 -11.43 16.80 10.47
CA SER A 255 -10.50 17.60 11.25
C SER A 255 -11.00 17.77 12.68
N ILE A 256 -10.05 17.80 13.61
CA ILE A 256 -10.38 17.93 15.03
C ILE A 256 -10.78 19.37 15.35
N LYS A 257 -11.79 19.52 16.20
CA LYS A 257 -12.28 20.84 16.56
C LYS A 257 -11.46 21.42 17.70
N PRO A 258 -11.21 22.73 17.70
CA PRO A 258 -10.45 23.35 18.80
C PRO A 258 -11.21 23.29 20.12
N TYR A 259 -10.47 23.17 21.20
CA TYR A 259 -10.99 23.13 22.56
C TYR A 259 -10.02 23.84 23.48
N PRO A 260 -10.50 24.41 24.59
CA PRO A 260 -9.59 25.12 25.51
C PRO A 260 -8.60 24.18 26.16
N ILE A 261 -7.40 24.71 26.42
CA ILE A 261 -6.31 23.95 27.03
C ILE A 261 -5.46 24.91 27.84
N TYR A 262 -4.65 24.37 28.74
CA TYR A 262 -3.79 25.15 29.61
C TYR A 262 -2.35 25.06 29.12
N VAL A 263 -1.72 26.22 28.91
CA VAL A 263 -0.33 26.30 28.46
C VAL A 263 0.42 27.23 29.40
N TYR A 264 1.59 26.78 29.86
CA TYR A 264 2.43 27.57 30.77
C TYR A 264 3.23 28.56 29.92
N ARG A 265 2.69 29.75 29.74
CA ARG A 265 3.30 30.80 28.94
C ARG A 265 3.65 31.99 29.81
N LEU A 266 4.92 32.42 29.73
CA LEU A 266 5.42 33.61 30.42
C LEU A 266 5.20 33.53 31.94
N GLY A 267 5.37 32.33 32.49
CA GLY A 267 5.26 32.15 33.93
C GLY A 267 3.85 32.03 34.47
N LYS A 268 2.84 32.01 33.59
CA LYS A 268 1.45 31.91 34.03
C LYS A 268 0.78 30.75 33.30
N TRP A 269 -0.16 30.12 34.00
CA TRP A 269 -0.95 29.02 33.42
C TRP A 269 -2.15 29.62 32.70
N THR A 270 -1.89 30.20 31.54
CA THR A 270 -2.91 30.89 30.77
C THR A 270 -3.70 29.91 29.92
N GLU A 271 -5.02 30.07 29.90
CA GLU A 271 -5.90 29.21 29.11
C GLU A 271 -5.99 29.76 27.69
N ILE A 272 -5.53 28.98 26.72
CA ILE A 272 -5.60 29.35 25.30
C ILE A 272 -6.28 28.22 24.54
N GLN A 273 -6.69 28.52 23.32
CA GLN A 273 -7.30 27.51 22.47
C GLN A 273 -6.24 26.53 21.97
N SER A 274 -6.69 25.37 21.51
CA SER A 274 -5.82 24.33 21.01
C SER A 274 -5.42 24.53 19.55
N ASP A 275 -5.60 25.73 19.01
CA ASP A 275 -5.24 26.04 17.63
C ASP A 275 -3.96 26.86 17.54
N LYS A 276 -3.33 27.17 18.66
CA LYS A 276 -2.14 28.02 18.70
C LYS A 276 -1.01 27.33 19.46
N LEU A 277 -0.89 26.01 19.29
CA LEU A 277 0.23 25.30 19.89
C LEU A 277 1.48 25.45 19.04
N LEU A 278 2.62 25.56 19.72
CA LEU A 278 3.91 25.71 19.07
C LEU A 278 4.89 24.70 19.66
N PRO A 279 5.87 24.24 18.86
CA PRO A 279 6.86 23.28 19.37
C PRO A 279 7.73 23.87 20.47
N GLY A 280 7.58 23.36 21.69
CA GLY A 280 8.32 23.88 22.82
C GLY A 280 7.42 24.26 23.97
N ASP A 281 6.11 24.27 23.73
CA ASP A 281 5.16 24.63 24.76
C ASP A 281 5.10 23.56 25.85
N LEU A 282 4.68 23.99 27.04
CA LEU A 282 4.49 23.09 28.18
C LEU A 282 2.99 23.02 28.45
N VAL A 283 2.33 22.02 27.87
CA VAL A 283 0.89 21.90 27.93
C VAL A 283 0.53 20.90 29.02
N SER A 284 -0.70 21.00 29.51
CA SER A 284 -1.23 20.09 30.53
C SER A 284 -2.23 19.14 29.88
N VAL A 285 -2.05 17.84 30.11
CA VAL A 285 -2.89 16.80 29.53
C VAL A 285 -3.89 16.36 30.57
N THR A 286 -5.18 16.34 30.20
CA THR A 286 -6.25 15.87 31.07
C THR A 286 -7.11 14.89 30.29
N ARG A 287 -8.09 14.31 30.97
CA ARG A 287 -8.99 13.35 30.33
C ARG A 287 -9.79 14.03 29.23
N THR A 288 -9.80 13.41 28.06
CA THR A 288 -10.46 13.99 26.89
C THR A 288 -11.97 13.83 27.00
N LYS A 289 -12.69 14.74 26.34
CA LYS A 289 -14.14 14.70 26.30
C LYS A 289 -14.61 13.86 25.12
N GLU A 290 -15.93 13.79 24.95
CA GLU A 290 -16.49 13.07 23.81
C GLU A 290 -16.24 13.85 22.52
N ASP A 291 -15.88 13.12 21.46
CA ASP A 291 -15.55 13.68 20.15
C ASP A 291 -14.43 14.71 20.25
N SER A 292 -13.29 14.25 20.73
CA SER A 292 -12.12 15.11 20.91
C SER A 292 -10.87 14.21 20.86
N GLY A 293 -9.73 14.77 21.25
CA GLY A 293 -8.50 14.01 21.26
C GLY A 293 -7.32 14.90 21.57
N VAL A 294 -6.15 14.28 21.57
CA VAL A 294 -4.90 15.02 21.79
C VAL A 294 -4.62 15.91 20.59
N ALA A 295 -4.29 17.17 20.85
CA ALA A 295 -4.16 18.16 19.79
C ALA A 295 -2.95 17.88 18.90
N CYS A 296 -1.81 17.52 19.50
CA CYS A 296 -0.58 17.36 18.75
C CYS A 296 0.35 16.42 19.49
N ASP A 297 1.42 16.02 18.80
CA ASP A 297 2.38 15.09 19.38
C ASP A 297 3.06 15.70 20.60
N MET A 298 3.19 14.90 21.64
CA MET A 298 3.70 15.37 22.92
C MET A 298 4.70 14.35 23.46
N ILE A 299 5.24 14.64 24.64
CA ILE A 299 6.06 13.69 25.40
C ILE A 299 5.85 13.95 26.88
N LEU A 300 5.42 12.91 27.60
CA LEU A 300 5.06 13.07 29.01
C LEU A 300 6.28 13.39 29.86
N VAL A 301 6.18 14.42 30.69
CA VAL A 301 7.26 14.82 31.57
C VAL A 301 6.94 14.60 33.04
N GLU A 302 5.67 14.38 33.39
CA GLU A 302 5.29 14.09 34.76
C GLU A 302 3.96 13.36 34.75
N GLY A 303 3.85 12.30 35.56
CA GLY A 303 2.64 11.54 35.66
C GLY A 303 2.51 10.49 34.57
N THR A 304 1.55 9.60 34.74
CA THR A 304 1.29 8.52 33.80
C THR A 304 -0.13 8.66 33.27
N ALA A 305 -0.34 8.12 32.07
CA ALA A 305 -1.64 8.19 31.41
C ALA A 305 -1.96 6.86 30.76
N ILE A 306 -3.25 6.60 30.60
CA ILE A 306 -3.76 5.41 29.93
C ILE A 306 -4.52 5.89 28.70
N VAL A 307 -4.03 5.52 27.51
CA VAL A 307 -4.55 6.09 26.27
C VAL A 307 -5.26 5.01 25.46
N ASN A 308 -5.88 5.42 24.35
CA ASN A 308 -6.61 4.51 23.47
C ASN A 308 -6.33 4.97 22.03
N GLU A 309 -5.30 4.38 21.42
CA GLU A 309 -4.88 4.77 20.08
C GLU A 309 -5.64 3.94 19.03
N ALA A 310 -6.93 4.24 18.90
CA ALA A 310 -7.77 3.57 17.91
C ALA A 310 -7.82 4.31 16.59
N MET A 311 -7.31 5.53 16.51
CA MET A 311 -7.32 6.31 15.28
C MET A 311 -5.98 6.28 14.55
N LEU A 312 -5.04 5.45 14.98
CA LEU A 312 -3.73 5.39 14.35
C LEU A 312 -3.35 3.97 13.98
N SER A 313 -3.85 2.99 14.72
CA SER A 313 -3.51 1.60 14.48
C SER A 313 -4.74 0.72 14.25
N GLY A 314 -5.95 1.26 14.40
CA GLY A 314 -7.15 0.49 14.19
C GLY A 314 -7.49 -0.50 15.29
N GLU A 315 -6.79 -0.46 16.41
CA GLU A 315 -7.03 -1.37 17.53
C GLU A 315 -7.52 -0.58 18.72
N SER A 316 -8.55 -1.11 19.40
CA SER A 316 -9.21 -0.40 20.50
C SER A 316 -8.70 -0.85 21.86
N THR A 317 -7.65 -1.65 21.92
CA THR A 317 -7.13 -2.10 23.20
C THR A 317 -6.41 -0.95 23.91
N PRO A 318 -6.73 -0.70 25.18
CA PRO A 318 -6.03 0.35 25.92
C PRO A 318 -4.58 0.01 26.15
N LEU A 319 -3.75 1.05 26.24
CA LEU A 319 -2.32 0.91 26.44
C LEU A 319 -1.93 1.58 27.76
N LEU A 320 -0.62 1.64 28.01
CA LEU A 320 -0.08 2.31 29.19
C LEU A 320 1.11 3.16 28.78
N LYS A 321 1.10 4.42 29.19
CA LYS A 321 2.18 5.35 28.89
C LYS A 321 2.77 5.88 30.18
N ASP A 322 4.10 6.02 30.20
CA ASP A 322 4.83 6.43 31.40
C ASP A 322 5.70 7.63 31.07
N SER A 323 6.01 8.41 32.11
CA SER A 323 6.77 9.64 31.95
C SER A 323 8.27 9.34 31.88
N ILE A 324 9.05 10.39 31.63
CA ILE A 324 10.50 10.32 31.60
C ILE A 324 11.04 11.01 32.86
N GLN A 325 10.22 11.02 33.91
CA GLN A 325 10.56 11.76 35.13
C GLN A 325 11.73 11.10 35.87
N LEU A 326 11.80 9.77 35.86
CA LEU A 326 12.74 9.03 36.70
C LEU A 326 13.87 8.42 35.87
N ARG A 327 14.36 9.15 34.89
CA ARG A 327 15.48 8.75 34.05
C ARG A 327 16.67 9.67 34.29
N PRO A 328 17.89 9.20 34.01
CA PRO A 328 19.06 10.10 34.09
C PRO A 328 18.93 11.25 33.10
N GLY A 329 19.01 12.47 33.63
CA GLY A 329 18.66 13.64 32.82
C GLY A 329 19.64 13.90 31.68
N ASP A 330 20.93 13.93 31.99
CA ASP A 330 21.93 14.30 31.00
C ASP A 330 22.83 13.15 30.57
N ALA A 331 22.95 12.10 31.38
CA ALA A 331 23.81 10.98 31.06
C ALA A 331 23.21 10.01 30.06
N VAL A 332 21.94 10.16 29.72
CA VAL A 332 21.24 9.23 28.83
C VAL A 332 20.80 9.99 27.59
N LEU A 333 21.20 9.49 26.43
CA LEU A 333 20.71 10.02 25.16
C LEU A 333 19.33 9.44 24.87
N GLU A 334 18.43 10.27 24.36
CA GLU A 334 17.06 9.84 24.11
C GLU A 334 17.03 8.89 22.91
N VAL A 335 16.40 7.74 23.10
CA VAL A 335 16.27 6.72 22.06
C VAL A 335 14.81 6.31 21.97
N ASP A 336 14.33 6.17 20.73
CA ASP A 336 12.93 5.83 20.48
C ASP A 336 12.69 4.34 20.38
N GLY A 337 13.54 3.54 21.04
CA GLY A 337 13.32 2.12 21.15
C GLY A 337 13.06 1.73 22.59
N LEU A 338 13.64 2.49 23.53
CA LEU A 338 13.42 2.29 24.95
C LEU A 338 12.43 3.28 25.54
N ASP A 339 12.33 4.48 24.98
CA ASP A 339 11.38 5.49 25.44
C ASP A 339 10.19 5.62 24.51
N LYS A 340 9.74 4.52 23.92
CA LYS A 340 8.56 4.54 23.06
C LYS A 340 7.26 4.62 23.84
N ASN A 341 7.31 4.42 25.16
CA ASN A 341 6.13 4.47 26.02
C ASN A 341 5.97 5.83 26.70
N SER A 342 6.41 6.90 26.04
CA SER A 342 6.30 8.23 26.61
C SER A 342 5.76 9.28 25.64
N LEU A 343 5.50 8.94 24.38
CA LEU A 343 5.04 9.89 23.38
C LEU A 343 3.55 9.74 23.19
N LEU A 344 2.81 10.83 23.39
CA LEU A 344 1.38 10.86 23.10
C LEU A 344 1.17 11.38 21.68
N TRP A 345 0.65 10.52 20.81
CA TRP A 345 0.44 10.89 19.42
C TRP A 345 -0.82 11.73 19.26
N GLY A 346 -0.86 12.50 18.19
CA GLY A 346 -2.00 13.35 17.92
C GLY A 346 -3.16 12.59 17.34
N GLY A 347 -4.22 12.41 18.13
CA GLY A 347 -5.39 11.68 17.67
C GLY A 347 -5.88 10.65 18.67
N THR A 348 -5.03 10.33 19.66
CA THR A 348 -5.41 9.38 20.68
C THR A 348 -6.36 10.03 21.69
N LYS A 349 -7.03 9.19 22.46
CA LYS A 349 -7.95 9.63 23.51
C LYS A 349 -7.45 9.17 24.85
N VAL A 350 -7.25 10.11 25.77
CA VAL A 350 -6.78 9.79 27.11
C VAL A 350 -7.96 9.29 27.94
N LEU A 351 -7.79 8.13 28.58
CA LEU A 351 -8.87 7.52 29.33
C LEU A 351 -8.75 7.69 30.83
N GLN A 352 -7.55 7.88 31.37
CA GLN A 352 -7.37 8.02 32.81
C GLN A 352 -6.04 8.70 33.09
N ILE A 353 -5.99 9.44 34.19
CA ILE A 353 -4.77 10.05 34.69
C ILE A 353 -4.57 9.58 36.13
N THR A 354 -3.39 9.03 36.41
CA THR A 354 -3.14 8.41 37.72
C THR A 354 -2.71 9.43 38.77
N HIS A 355 -1.61 10.14 38.51
CA HIS A 355 -1.07 11.12 39.44
C HIS A 355 -1.22 12.52 38.89
N GLY A 356 -0.97 13.51 39.75
CA GLY A 356 -1.09 14.90 39.37
C GLY A 356 0.09 15.41 38.57
N PRO A 365 8.07 18.65 41.04
CA PRO A 365 8.68 18.40 39.73
C PRO A 365 10.13 18.82 39.66
N ALA A 366 10.89 18.23 38.73
CA ALA A 366 12.30 18.57 38.59
C ALA A 366 12.49 19.97 38.01
N SER A 367 11.56 20.42 37.18
CA SER A 367 11.68 21.75 36.58
C SER A 367 11.37 22.86 37.57
N GLY A 368 10.66 22.54 38.66
CA GLY A 368 10.28 23.54 39.64
C GLY A 368 9.15 24.41 39.16
N ILE A 369 8.04 23.77 38.75
CA ILE A 369 6.89 24.45 38.19
C ILE A 369 5.69 24.15 39.08
N PRO A 370 4.89 25.14 39.47
CA PRO A 370 3.68 24.85 40.22
C PRO A 370 2.72 24.01 39.39
N PRO A 371 1.90 23.18 40.02
CA PRO A 371 1.02 22.30 39.26
C PRO A 371 -0.06 23.08 38.55
N PRO A 372 -0.56 22.56 37.43
CA PRO A 372 -1.63 23.26 36.71
C PRO A 372 -2.92 23.23 37.52
N PRO A 373 -3.80 24.22 37.32
CA PRO A 373 -5.06 24.26 38.10
C PRO A 373 -5.97 23.08 37.85
N ASP A 374 -5.94 22.48 36.65
CA ASP A 374 -6.87 21.41 36.32
C ASP A 374 -6.40 20.04 36.81
N ASN A 375 -5.23 19.96 37.45
CA ASN A 375 -4.69 18.73 38.02
C ASN A 375 -4.53 17.64 36.96
N GLY A 376 -3.67 17.92 35.99
CA GLY A 376 -3.40 17.00 34.92
C GLY A 376 -1.90 16.82 34.71
N ALA A 377 -1.57 15.85 33.86
CA ALA A 377 -0.18 15.57 33.54
C ALA A 377 0.38 16.62 32.59
N MET A 378 1.66 16.91 32.75
CA MET A 378 2.35 17.91 31.94
C MET A 378 3.10 17.24 30.80
N ALA A 379 3.04 17.86 29.61
CA ALA A 379 3.70 17.34 28.43
C ALA A 379 4.37 18.48 27.69
N VAL A 380 5.21 18.12 26.72
CA VAL A 380 5.96 19.08 25.92
C VAL A 380 5.66 18.81 24.45
N VAL A 381 5.23 19.86 23.73
CA VAL A 381 4.86 19.70 22.32
C VAL A 381 6.11 19.50 21.48
N THR A 382 6.02 18.61 20.50
CA THR A 382 7.13 18.33 19.59
C THR A 382 6.82 18.67 18.14
N LYS A 383 5.67 18.27 17.62
CA LYS A 383 5.32 18.52 16.23
C LYS A 383 3.91 19.09 16.14
N THR A 384 3.72 20.06 15.24
CA THR A 384 2.42 20.69 15.04
C THR A 384 2.12 20.79 13.55
N GLY A 385 0.86 20.58 13.19
CA GLY A 385 0.44 20.71 11.81
C GLY A 385 0.38 19.39 11.06
N PHE A 386 0.73 19.42 9.77
CA PHE A 386 0.79 18.21 8.96
C PHE A 386 1.98 17.31 9.29
N GLU A 387 2.91 17.78 10.13
CA GLU A 387 4.12 17.02 10.42
C GLU A 387 3.93 15.95 11.47
N THR A 388 2.72 15.81 12.02
CA THR A 388 2.44 14.73 12.96
C THR A 388 2.23 13.43 12.19
N SER A 389 1.90 12.35 12.91
CA SER A 389 1.73 11.06 12.25
C SER A 389 0.40 10.99 11.49
N GLN A 390 -0.71 11.26 12.17
CA GLN A 390 -1.99 11.24 11.49
C GLN A 390 -2.14 12.39 10.51
N GLY A 391 -1.39 13.49 10.70
CA GLY A 391 -1.35 14.52 9.67
C GLY A 391 -0.71 14.01 8.38
N SER A 392 0.39 13.26 8.51
CA SER A 392 1.01 12.65 7.35
C SER A 392 0.10 11.60 6.71
N LEU A 393 -0.64 10.85 7.52
CA LEU A 393 -1.59 9.88 6.97
C LEU A 393 -2.71 10.57 6.19
N VAL A 394 -3.23 11.68 6.72
CA VAL A 394 -4.27 12.43 6.02
C VAL A 394 -3.70 13.03 4.73
N ARG A 395 -2.48 13.55 4.78
CA ARG A 395 -1.88 14.14 3.58
C ARG A 395 -1.63 13.10 2.51
N THR A 396 -1.18 11.90 2.89
CA THR A 396 -0.96 10.85 1.90
C THR A 396 -2.24 10.16 1.46
N MET A 397 -3.34 10.33 2.20
CA MET A 397 -4.64 9.84 1.74
C MET A 397 -5.35 10.85 0.84
N ILE A 398 -5.05 12.14 0.98
CA ILE A 398 -5.61 13.15 0.08
C ILE A 398 -5.11 12.92 -1.34
N TYR A 399 -3.81 12.65 -1.49
CA TYR A 399 -3.18 12.50 -2.80
C TYR A 399 -3.05 11.05 -3.20
N SER A 400 -4.06 10.22 -2.89
CA SER A 400 -4.03 8.81 -3.25
C SER A 400 -4.13 8.57 -4.74
N THR A 401 -4.45 9.59 -5.53
CA THR A 401 -4.57 9.45 -6.99
C THR A 401 -3.22 9.65 -7.67
N GLU A 402 -2.26 8.80 -7.28
CA GLU A 402 -0.99 8.72 -7.99
C GLU A 402 -1.04 7.76 -9.16
N ARG A 403 -2.15 7.04 -9.34
CA ARG A 403 -2.30 6.12 -10.45
C ARG A 403 -2.66 6.83 -11.75
N VAL A 404 -3.12 8.08 -11.68
CA VAL A 404 -3.57 8.81 -12.86
C VAL A 404 -2.49 9.77 -13.33
N SER A 405 -1.67 10.26 -12.40
CA SER A 405 -0.70 11.32 -12.71
C SER A 405 0.68 10.76 -13.02
N ALA A 406 1.27 10.00 -12.10
CA ALA A 406 2.59 9.41 -12.30
C ALA A 406 2.47 8.07 -13.05
N ASN A 407 1.90 8.17 -14.25
CA ASN A 407 1.57 7.01 -15.05
C ASN A 407 1.45 7.46 -16.51
N ASN A 408 0.83 6.62 -17.34
CA ASN A 408 0.57 6.92 -18.75
C ASN A 408 1.87 7.09 -19.52
N THR A 409 2.81 6.17 -19.32
CA THR A 409 4.03 6.11 -20.09
C THR A 409 4.06 4.91 -21.03
N GLU A 410 3.09 4.01 -20.95
CA GLU A 410 2.97 2.89 -21.86
C GLU A 410 1.70 2.94 -22.71
N ALA A 411 0.61 3.47 -22.17
CA ALA A 411 -0.62 3.63 -22.95
C ALA A 411 -0.42 4.66 -24.06
N LEU A 412 0.38 5.69 -23.81
CA LEU A 412 0.72 6.64 -24.86
C LEU A 412 1.51 5.96 -25.97
N LEU A 413 2.43 5.05 -25.60
CA LEU A 413 3.14 4.27 -26.60
C LEU A 413 2.20 3.35 -27.37
N PHE A 414 1.20 2.79 -26.71
CA PHE A 414 0.22 1.96 -27.40
C PHE A 414 -0.59 2.79 -28.40
N ILE A 415 -1.00 3.99 -28.00
CA ILE A 415 -1.73 4.88 -28.91
C ILE A 415 -0.87 5.26 -30.11
N LEU A 416 0.41 5.57 -29.87
CA LEU A 416 1.34 5.87 -30.96
C LEU A 416 1.54 4.65 -31.86
N PHE A 417 1.53 3.44 -31.29
CA PHE A 417 1.64 2.23 -32.08
C PHE A 417 0.43 2.04 -32.99
N LEU A 418 -0.77 2.31 -32.49
CA LEU A 418 -1.96 2.25 -33.34
C LEU A 418 -1.97 3.36 -34.39
N LEU A 419 -1.35 4.50 -34.08
CA LEU A 419 -1.35 5.63 -35.01
C LEU A 419 -0.58 5.32 -36.29
N VAL A 420 0.39 4.41 -36.25
CA VAL A 420 1.11 4.04 -37.46
C VAL A 420 0.18 3.28 -38.42
N PHE A 421 -0.59 2.33 -37.89
CA PHE A 421 -1.56 1.61 -38.70
C PHE A 421 -2.65 2.54 -39.20
N ALA A 422 -2.97 3.59 -38.43
CA ALA A 422 -3.88 4.61 -38.95
C ALA A 422 -3.26 5.39 -40.11
N LEU A 423 -2.00 5.80 -39.95
CA LEU A 423 -1.35 6.65 -40.94
C LEU A 423 -1.13 5.92 -42.26
N ALA A 424 -0.87 4.61 -42.21
CA ALA A 424 -0.69 3.86 -43.45
C ALA A 424 -1.96 3.89 -44.30
N ALA A 425 -3.10 3.60 -43.67
CA ALA A 425 -4.38 3.61 -44.39
C ALA A 425 -4.73 5.01 -44.87
N SER A 426 -4.51 6.02 -44.03
CA SER A 426 -4.82 7.40 -44.43
C SER A 426 -3.96 7.84 -45.61
N TRP A 427 -2.67 7.50 -45.59
CA TRP A 427 -1.79 7.86 -46.70
C TRP A 427 -2.18 7.14 -47.98
N TYR A 428 -2.57 5.86 -47.88
CA TYR A 428 -3.03 5.15 -49.06
C TYR A 428 -4.31 5.78 -49.63
N VAL A 429 -5.23 6.17 -48.75
CA VAL A 429 -6.48 6.80 -49.21
C VAL A 429 -6.18 8.11 -49.91
N TRP A 430 -5.29 8.93 -49.33
CA TRP A 430 -4.93 10.21 -49.95
C TRP A 430 -4.24 10.01 -51.29
N ASP A 431 -3.33 9.04 -51.37
CA ASP A 431 -2.60 8.80 -52.61
C ASP A 431 -3.52 8.28 -53.70
N GLU A 432 -4.47 7.41 -53.36
CA GLU A 432 -5.43 6.96 -54.36
C GLU A 432 -6.43 8.04 -54.74
N GLY A 433 -6.72 8.97 -53.82
CA GLY A 433 -7.64 10.05 -54.15
C GLY A 433 -7.03 11.15 -55.00
N VAL A 434 -5.73 11.39 -54.86
CA VAL A 434 -5.11 12.45 -55.64
C VAL A 434 -4.94 12.02 -57.11
N ARG A 435 -4.90 10.72 -57.38
CA ARG A 435 -4.76 10.22 -58.74
C ARG A 435 -6.09 10.05 -59.46
N LYS A 436 -7.21 10.28 -58.77
CA LYS A 436 -8.54 10.13 -59.38
C LYS A 436 -9.26 11.47 -59.48
N ASP A 437 -8.57 12.58 -59.20
CA ASP A 437 -9.09 13.95 -59.32
C ASP A 437 -10.34 14.14 -58.45
N ARG A 438 -10.11 14.00 -57.15
CA ARG A 438 -11.14 14.25 -56.15
C ARG A 438 -11.07 15.70 -55.65
N LYS A 439 -12.14 16.13 -54.98
CA LYS A 439 -12.14 17.45 -54.38
C LYS A 439 -11.26 17.45 -53.13
N ARG A 440 -10.30 18.37 -53.09
CA ARG A 440 -9.32 18.39 -52.01
C ARG A 440 -9.89 18.92 -50.69
N SER A 441 -11.06 19.55 -50.71
CA SER A 441 -11.68 20.04 -49.49
C SER A 441 -12.46 18.96 -48.75
N LYS A 442 -12.65 17.80 -49.36
CA LYS A 442 -13.35 16.67 -48.74
C LYS A 442 -12.42 15.49 -48.49
N LEU A 443 -11.44 15.27 -49.37
CA LEU A 443 -10.50 14.18 -49.19
C LEU A 443 -9.65 14.37 -47.93
N LEU A 444 -9.23 15.61 -47.67
CA LEU A 444 -8.48 15.89 -46.46
C LEU A 444 -9.32 15.63 -45.21
N LEU A 445 -10.60 16.02 -45.24
CA LEU A 445 -11.48 15.76 -44.11
C LEU A 445 -11.68 14.27 -43.89
N ASP A 446 -11.81 13.50 -44.98
CA ASP A 446 -11.92 12.05 -44.84
C ASP A 446 -10.66 11.44 -44.24
N CYS A 447 -9.49 11.91 -44.69
CA CYS A 447 -8.23 11.41 -44.15
C CYS A 447 -8.07 11.74 -42.67
N ILE A 448 -8.44 12.96 -42.27
CA ILE A 448 -8.34 13.34 -40.86
C ILE A 448 -9.35 12.54 -40.03
N LEU A 449 -10.53 12.25 -40.58
CA LEU A 449 -11.48 11.41 -39.86
C LEU A 449 -10.94 10.00 -39.66
N ILE A 450 -10.31 9.44 -40.70
CA ILE A 450 -9.71 8.12 -40.60
C ILE A 450 -8.61 8.11 -39.54
N ILE A 451 -7.79 9.17 -39.50
CA ILE A 451 -6.74 9.27 -38.50
C ILE A 451 -7.32 9.37 -37.09
N THR A 452 -8.33 10.22 -36.92
CA THR A 452 -8.86 10.50 -35.58
C THR A 452 -9.82 9.42 -35.07
N SER A 453 -10.26 8.51 -35.92
CA SER A 453 -11.12 7.42 -35.47
C SER A 453 -10.35 6.26 -34.84
N VAL A 454 -9.05 6.44 -34.59
CA VAL A 454 -8.22 5.36 -34.05
C VAL A 454 -7.92 5.51 -32.57
N VAL A 455 -7.64 6.73 -32.10
CA VAL A 455 -7.16 6.96 -30.74
C VAL A 455 -8.29 6.62 -29.76
N PRO A 456 -8.10 5.66 -28.87
CA PRO A 456 -9.14 5.33 -27.89
C PRO A 456 -9.19 6.38 -26.79
N PRO A 457 -10.37 6.90 -26.47
CA PRO A 457 -10.44 7.98 -25.48
C PRO A 457 -10.32 7.50 -24.05
N GLU A 458 -10.63 6.23 -23.77
CA GLU A 458 -10.60 5.69 -22.42
C GLU A 458 -9.52 4.64 -22.23
N LEU A 459 -8.45 4.71 -23.03
CA LEU A 459 -7.36 3.75 -22.94
C LEU A 459 -6.38 4.03 -21.79
N PRO A 460 -5.86 5.24 -21.59
CA PRO A 460 -4.83 5.41 -20.54
C PRO A 460 -5.38 5.34 -19.12
N MET A 461 -6.68 5.43 -18.92
CA MET A 461 -7.28 5.42 -17.59
C MET A 461 -8.01 4.11 -17.29
N GLU A 462 -7.57 3.03 -17.94
CA GLU A 462 -8.17 1.72 -17.68
C GLU A 462 -7.68 1.13 -16.36
N LEU A 463 -6.41 1.36 -16.02
CA LEU A 463 -5.84 0.81 -14.80
C LEU A 463 -6.51 1.38 -13.57
N SER A 464 -6.87 2.66 -13.60
CA SER A 464 -7.55 3.27 -12.46
C SER A 464 -8.93 2.67 -12.24
N LEU A 465 -9.68 2.42 -13.33
CA LEU A 465 -10.98 1.78 -13.19
C LEU A 465 -10.86 0.36 -12.67
N ALA A 466 -9.85 -0.38 -13.15
CA ALA A 466 -9.63 -1.74 -12.64
C ALA A 466 -9.27 -1.72 -11.17
N VAL A 467 -8.43 -0.77 -10.75
CA VAL A 467 -8.04 -0.67 -9.34
C VAL A 467 -9.23 -0.30 -8.47
N ASN A 468 -10.04 0.66 -8.91
CA ASN A 468 -11.24 1.05 -8.16
C ASN A 468 -12.31 -0.03 -8.14
N THR A 469 -12.33 -0.93 -9.13
CA THR A 469 -13.18 -2.11 -9.06
C THR A 469 -12.66 -3.17 -8.10
N SER A 470 -11.34 -3.40 -8.07
CA SER A 470 -10.77 -4.37 -7.13
C SER A 470 -10.86 -3.87 -5.70
N LEU A 471 -10.82 -2.56 -5.50
CA LEU A 471 -10.88 -2.00 -4.15
C LEU A 471 -12.24 -2.23 -3.51
N SER A 472 -13.30 -2.30 -4.32
CA SER A 472 -14.62 -2.61 -3.78
C SER A 472 -14.70 -4.07 -3.31
N ALA A 473 -14.10 -4.98 -4.08
CA ALA A 473 -14.11 -6.39 -3.69
C ALA A 473 -13.22 -6.64 -2.49
N LEU A 474 -12.14 -5.88 -2.35
CA LEU A 474 -11.26 -6.05 -1.19
C LEU A 474 -11.92 -5.53 0.09
N ALA A 475 -12.81 -4.55 -0.04
CA ALA A 475 -13.39 -3.91 1.14
C ALA A 475 -14.59 -4.68 1.66
N LYS A 476 -14.77 -5.93 1.22
CA LYS A 476 -15.80 -6.79 1.74
C LYS A 476 -15.29 -7.80 2.75
N PHE A 477 -13.98 -8.06 2.78
CA PHE A 477 -13.35 -8.87 3.82
C PHE A 477 -12.66 -8.00 4.87
N ALA A 478 -13.10 -6.76 5.02
CA ALA A 478 -12.54 -5.78 5.97
C ALA A 478 -11.06 -5.56 5.71
N ILE A 479 -10.67 -5.43 4.45
CA ILE A 479 -9.30 -5.10 4.05
C ILE A 479 -9.34 -3.74 3.39
N PHE A 480 -8.59 -2.79 3.96
CA PHE A 480 -8.57 -1.42 3.49
C PHE A 480 -7.19 -1.06 2.99
N CYS A 481 -7.14 -0.25 1.93
CA CYS A 481 -5.89 0.14 1.28
C CYS A 481 -5.75 1.65 1.32
N THR A 482 -4.59 2.13 1.78
CA THR A 482 -4.33 3.55 1.86
C THR A 482 -3.65 4.08 0.61
N GLU A 483 -2.75 3.31 0.01
CA GLU A 483 -2.07 3.69 -1.23
C GLU A 483 -2.49 2.73 -2.33
N PRO A 484 -3.43 3.10 -3.18
CA PRO A 484 -4.05 2.13 -4.11
C PRO A 484 -3.25 1.87 -5.38
N PHE A 485 -2.02 2.35 -5.51
CA PHE A 485 -1.20 2.02 -6.66
C PHE A 485 -0.38 0.75 -6.46
N ARG A 486 -0.51 0.11 -5.30
CA ARG A 486 0.18 -1.15 -5.01
C ARG A 486 -0.66 -2.36 -5.35
N ILE A 487 -1.89 -2.17 -5.83
CA ILE A 487 -2.72 -3.33 -6.24
C ILE A 487 -2.11 -4.09 -7.41
N PRO A 488 -1.63 -3.45 -8.49
CA PRO A 488 -0.90 -4.24 -9.50
C PRO A 488 0.39 -4.86 -9.00
N PHE A 489 0.97 -4.34 -7.92
CA PHE A 489 2.17 -4.94 -7.36
C PHE A 489 1.88 -6.25 -6.65
N ALA A 490 0.62 -6.50 -6.28
CA ALA A 490 0.25 -7.72 -5.57
C ALA A 490 0.09 -8.92 -6.49
N GLY A 491 0.14 -8.72 -7.81
CA GLY A 491 0.10 -9.81 -8.76
C GLY A 491 1.44 -10.23 -9.31
N ARG A 492 2.53 -9.62 -8.85
CA ARG A 492 3.88 -9.96 -9.30
C ARG A 492 4.75 -10.45 -8.15
N ILE A 493 4.16 -10.83 -7.02
CA ILE A 493 4.93 -11.18 -5.84
C ILE A 493 5.65 -12.50 -6.05
N ASP A 494 6.94 -12.51 -5.73
CA ASP A 494 7.76 -13.71 -5.77
C ASP A 494 8.12 -14.24 -4.39
N VAL A 495 8.40 -13.36 -3.44
CA VAL A 495 8.72 -13.74 -2.06
C VAL A 495 7.67 -13.11 -1.16
N ALA A 496 7.04 -13.93 -0.32
CA ALA A 496 6.02 -13.48 0.61
C ALA A 496 6.54 -13.72 2.02
N CYS A 497 7.23 -12.73 2.57
CA CYS A 497 7.79 -12.84 3.91
C CYS A 497 6.68 -12.85 4.96
N PHE A 498 6.96 -13.51 6.08
CA PHE A 498 6.02 -13.62 7.18
C PHE A 498 6.73 -13.31 8.49
N ASP A 499 5.96 -12.83 9.46
CA ASP A 499 6.45 -12.60 10.80
C ASP A 499 5.98 -13.74 11.69
N LYS A 500 6.26 -13.65 13.00
CA LYS A 500 5.78 -14.61 13.96
C LYS A 500 5.35 -13.87 15.22
N THR A 501 4.52 -14.54 16.02
CA THR A 501 3.89 -14.08 17.26
C THR A 501 2.87 -12.97 17.04
N GLY A 502 2.72 -12.47 15.83
CA GLY A 502 1.67 -11.52 15.52
C GLY A 502 0.86 -11.93 14.32
N THR A 503 1.41 -12.85 13.53
CA THR A 503 0.77 -13.30 12.29
C THR A 503 0.44 -14.78 12.31
N LEU A 504 1.43 -15.64 12.54
CA LEU A 504 1.20 -17.09 12.43
C LEU A 504 0.63 -17.68 13.71
N THR A 505 1.06 -17.21 14.88
CA THR A 505 0.59 -17.74 16.15
C THR A 505 -0.27 -16.70 16.85
N GLY A 506 -1.36 -17.17 17.46
CA GLY A 506 -2.30 -16.28 18.13
C GLY A 506 -1.82 -15.78 19.47
N GLU A 507 -2.76 -15.35 20.32
CA GLU A 507 -2.41 -14.78 21.62
C GLU A 507 -3.20 -15.41 22.76
N ASP A 508 -3.73 -16.61 22.56
CA ASP A 508 -4.47 -17.31 23.61
C ASP A 508 -3.53 -18.27 24.34
N LEU A 509 -2.58 -17.67 25.05
CA LEU A 509 -1.56 -18.44 25.75
C LEU A 509 -2.15 -19.16 26.96
N VAL A 510 -1.62 -20.36 27.21
CA VAL A 510 -2.01 -21.17 28.35
C VAL A 510 -0.76 -21.55 29.12
N VAL A 511 -0.82 -21.43 30.44
CA VAL A 511 0.33 -21.71 31.31
C VAL A 511 0.41 -23.21 31.54
N GLU A 512 1.49 -23.82 31.05
CA GLU A 512 1.67 -25.26 31.22
C GLU A 512 2.02 -25.60 32.66
N GLY A 513 2.91 -24.84 33.26
CA GLY A 513 3.35 -25.11 34.62
C GLY A 513 4.76 -24.64 34.83
N ILE A 514 5.26 -24.88 36.04
CA ILE A 514 6.60 -24.48 36.43
C ILE A 514 7.47 -25.74 36.49
N ALA A 515 8.55 -25.75 35.73
CA ALA A 515 9.43 -26.91 35.63
C ALA A 515 10.86 -26.49 35.87
N GLY A 516 11.69 -27.46 36.27
CA GLY A 516 13.09 -27.19 36.52
C GLY A 516 13.39 -26.55 37.86
N LEU A 517 12.44 -26.55 38.78
CA LEU A 517 12.65 -25.97 40.10
C LEU A 517 13.28 -26.94 41.08
N GLY A 518 13.42 -28.21 40.70
CA GLY A 518 14.07 -29.20 41.53
C GLY A 518 15.57 -29.31 41.35
N LEU A 519 16.17 -28.43 40.56
CA LEU A 519 17.62 -28.48 40.34
C LEU A 519 18.36 -28.08 41.61
N GLY A 520 19.50 -28.73 41.83
CA GLY A 520 20.31 -28.44 43.00
C GLY A 520 19.77 -29.00 44.30
N HIS A 521 18.83 -29.92 44.24
CA HIS A 521 18.24 -30.49 45.45
C HIS A 521 18.67 -31.95 45.62
N THR A 526 13.75 -38.61 40.18
CA THR A 526 13.98 -37.53 39.22
C THR A 526 14.17 -38.09 37.81
N PRO A 527 13.11 -38.05 37.00
CA PRO A 527 13.24 -38.48 35.60
C PRO A 527 14.25 -37.63 34.84
N LYS A 528 15.00 -38.28 33.96
CA LYS A 528 16.05 -37.62 33.20
C LYS A 528 16.10 -38.21 31.79
N GLU A 529 16.92 -37.59 30.95
CA GLU A 529 17.14 -38.07 29.59
C GLU A 529 18.63 -38.25 29.33
N ALA A 530 19.00 -38.47 28.06
CA ALA A 530 20.40 -38.68 27.73
C ALA A 530 21.25 -37.45 28.04
N ASP A 531 20.72 -36.26 27.74
CA ASP A 531 21.44 -35.02 28.03
C ASP A 531 21.34 -34.61 29.49
N GLY A 532 20.46 -35.25 30.27
CA GLY A 532 20.35 -34.94 31.68
C GLY A 532 19.29 -33.91 32.04
N ALA A 533 18.39 -33.58 31.12
CA ALA A 533 17.35 -32.61 31.40
C ALA A 533 16.32 -33.18 32.36
N HIS A 534 15.71 -32.31 33.16
CA HIS A 534 14.71 -32.69 34.16
C HIS A 534 13.34 -32.44 33.56
N THR A 535 12.65 -33.51 33.18
CA THR A 535 11.34 -33.42 32.55
C THR A 535 10.20 -33.36 33.56
N ARG A 536 10.48 -33.46 34.85
CA ARG A 536 9.43 -33.35 35.86
C ARG A 536 8.90 -31.93 35.92
N MET A 537 7.58 -31.78 35.82
CA MET A 537 6.93 -30.49 35.72
C MET A 537 5.87 -30.37 36.80
N VAL A 538 5.80 -29.21 37.43
CA VAL A 538 4.93 -28.96 38.57
C VAL A 538 3.97 -27.84 38.22
N SER A 539 2.69 -28.03 38.57
CA SER A 539 1.68 -27.02 38.31
C SER A 539 1.95 -25.78 39.16
N VAL A 540 1.39 -24.65 38.69
CA VAL A 540 1.64 -23.37 39.34
C VAL A 540 1.00 -23.27 40.72
N HIS A 541 -0.03 -24.07 40.99
CA HIS A 541 -0.69 -24.01 42.29
C HIS A 541 0.18 -24.63 43.38
N ASP A 542 0.77 -25.79 43.10
CA ASP A 542 1.60 -26.49 44.08
C ASP A 542 3.07 -26.13 43.93
N ALA A 543 3.37 -24.84 43.93
CA ALA A 543 4.72 -24.34 43.75
C ALA A 543 5.24 -23.75 45.06
N GLY A 544 6.51 -23.35 45.03
CA GLY A 544 7.11 -22.72 46.19
C GLY A 544 6.59 -21.32 46.40
N MET A 545 6.84 -20.80 47.61
CA MET A 545 6.37 -19.48 47.96
C MET A 545 7.15 -18.40 47.23
N GLU A 546 8.47 -18.57 47.10
CA GLU A 546 9.30 -17.58 46.42
C GLU A 546 8.93 -17.45 44.95
N THR A 547 8.67 -18.58 44.29
CA THR A 547 8.27 -18.54 42.88
C THR A 547 6.92 -17.83 42.71
N THR A 548 5.98 -18.08 43.63
CA THR A 548 4.70 -17.39 43.58
C THR A 548 4.87 -15.90 43.78
N LEU A 549 5.74 -15.50 44.71
CA LEU A 549 5.99 -14.07 44.92
C LEU A 549 6.64 -13.43 43.70
N VAL A 550 7.56 -14.15 43.04
CA VAL A 550 8.18 -13.63 41.82
C VAL A 550 7.14 -13.47 40.72
N LEU A 551 6.25 -14.45 40.56
CA LEU A 551 5.20 -14.36 39.55
C LEU A 551 4.24 -13.22 39.85
N ALA A 552 3.95 -12.96 41.12
CA ALA A 552 3.04 -11.88 41.49
C ALA A 552 3.74 -10.52 41.59
N THR A 553 5.06 -10.48 41.46
CA THR A 553 5.83 -9.24 41.62
C THR A 553 6.30 -8.64 40.31
N ALA A 554 6.75 -9.47 39.36
CA ALA A 554 7.49 -9.00 38.20
C ALA A 554 6.61 -8.77 36.98
N HIS A 555 5.37 -8.30 37.18
CA HIS A 555 4.51 -7.94 36.07
C HIS A 555 4.40 -6.43 35.96
N ALA A 556 3.65 -5.95 34.98
CA ALA A 556 3.46 -4.52 34.75
C ALA A 556 2.00 -4.23 34.45
N LEU A 557 1.09 -4.83 35.22
CA LEU A 557 -0.33 -4.67 35.00
C LEU A 557 -0.90 -3.57 35.88
N VAL A 558 -1.76 -2.73 35.30
CA VAL A 558 -2.47 -1.70 36.04
C VAL A 558 -3.95 -1.86 35.75
N LYS A 559 -4.78 -1.45 36.70
CA LYS A 559 -6.22 -1.67 36.65
C LYS A 559 -6.94 -0.34 36.46
N LEU A 560 -7.89 -0.32 35.53
CA LEU A 560 -8.73 0.85 35.35
C LEU A 560 -9.68 1.00 36.54
N ASP A 561 -10.19 2.22 36.71
CA ASP A 561 -11.14 2.48 37.80
C ASP A 561 -12.46 1.76 37.58
N GLU A 562 -12.82 1.48 36.33
CA GLU A 562 -14.05 0.77 36.01
C GLU A 562 -13.94 -0.74 36.19
N GLY A 563 -12.73 -1.27 36.35
CA GLY A 563 -12.54 -2.69 36.63
C GLY A 563 -11.80 -3.46 35.56
N GLU A 564 -11.40 -2.85 34.45
CA GLU A 564 -10.70 -3.59 33.40
C GLU A 564 -9.20 -3.65 33.69
N ILE A 565 -8.56 -4.72 33.23
CA ILE A 565 -7.13 -4.94 33.38
C ILE A 565 -6.48 -4.82 32.02
N VAL A 566 -5.46 -3.96 31.92
CA VAL A 566 -4.78 -3.69 30.66
C VAL A 566 -3.35 -4.18 30.77
N GLY A 567 -2.77 -4.58 29.65
CA GLY A 567 -1.40 -5.04 29.63
C GLY A 567 -1.22 -6.14 28.61
N ASP A 568 -0.01 -6.70 28.64
CA ASP A 568 0.34 -7.82 27.76
C ASP A 568 -0.48 -9.05 28.13
N PRO A 569 -1.02 -9.77 27.15
CA PRO A 569 -1.78 -10.99 27.46
C PRO A 569 -0.99 -12.07 28.18
N MET A 570 0.34 -12.06 28.10
CA MET A 570 1.15 -12.99 28.87
C MET A 570 0.97 -12.76 30.36
N GLU A 571 1.04 -11.50 30.79
CA GLU A 571 0.87 -11.18 32.21
C GLU A 571 -0.55 -11.47 32.68
N LYS A 572 -1.54 -11.18 31.83
CA LYS A 572 -2.93 -11.50 32.17
C LYS A 572 -3.11 -13.01 32.32
N ALA A 573 -2.51 -13.79 31.42
CA ALA A 573 -2.63 -15.24 31.49
C ALA A 573 -1.97 -15.80 32.75
N THR A 574 -0.77 -15.30 33.08
CA THR A 574 -0.10 -15.82 34.27
C THR A 574 -0.77 -15.34 35.55
N LEU A 575 -1.44 -14.18 35.52
CA LEU A 575 -2.19 -13.74 36.69
C LEU A 575 -3.47 -14.56 36.86
N ASN A 576 -4.13 -14.89 35.75
CA ASN A 576 -5.31 -15.76 35.82
C ASN A 576 -4.94 -17.15 36.31
N ALA A 577 -3.81 -17.69 35.85
CA ALA A 577 -3.34 -18.98 36.33
C ALA A 577 -2.85 -18.93 37.77
N LEU A 578 -2.36 -17.78 38.22
CA LEU A 578 -1.85 -17.67 39.58
C LEU A 578 -3.00 -17.73 40.60
N GLY A 579 -4.10 -17.03 40.32
CA GLY A 579 -5.26 -17.02 41.19
C GLY A 579 -5.39 -15.79 42.06
N TRP A 580 -4.36 -14.95 42.15
CA TRP A 580 -4.45 -13.75 42.97
C TRP A 580 -5.33 -12.70 42.28
N VAL A 581 -5.73 -11.70 43.06
CA VAL A 581 -6.61 -10.63 42.58
C VAL A 581 -5.85 -9.33 42.60
N LEU A 582 -6.26 -8.39 41.74
CA LEU A 582 -5.63 -7.09 41.64
C LEU A 582 -6.42 -6.06 42.45
N GLY A 583 -5.71 -5.27 43.24
CA GLY A 583 -6.32 -4.30 44.14
C GLY A 583 -6.40 -2.92 43.54
N LYS A 584 -6.33 -1.90 44.39
CA LYS A 584 -6.53 -0.53 43.95
C LYS A 584 -5.26 0.05 43.33
N ASN A 585 -4.18 0.14 44.11
CA ASN A 585 -2.94 0.77 43.67
C ASN A 585 -1.78 -0.21 43.81
N ASP A 586 -1.61 -1.05 42.78
CA ASP A 586 -0.46 -1.96 42.66
C ASP A 586 -0.34 -2.89 43.87
N THR A 587 -1.47 -3.35 44.38
CA THR A 587 -1.51 -4.24 45.53
C THR A 587 -2.26 -5.51 45.15
N LEU A 588 -1.67 -6.65 45.44
CA LEU A 588 -2.25 -7.95 45.10
C LEU A 588 -2.46 -8.76 46.37
N THR A 589 -3.67 -9.30 46.53
CA THR A 589 -4.03 -10.14 47.66
C THR A 589 -4.54 -11.47 47.14
N SER A 590 -4.86 -12.37 48.07
CA SER A 590 -5.36 -13.69 47.71
C SER A 590 -6.37 -14.20 48.74
N SER A 597 -7.68 -22.63 44.46
CA SER A 597 -6.96 -21.40 44.72
C SER A 597 -5.55 -21.67 45.24
N SER A 598 -4.73 -20.63 45.28
CA SER A 598 -3.37 -20.78 45.76
C SER A 598 -3.35 -20.93 47.29
N GLY A 599 -2.24 -21.46 47.79
CA GLY A 599 -2.08 -21.67 49.22
C GLY A 599 -0.98 -20.83 49.82
N ILE A 600 -0.84 -19.59 49.37
CA ILE A 600 0.18 -18.69 49.87
C ILE A 600 -0.37 -17.74 50.91
N LEU A 601 -1.52 -17.12 50.62
CA LEU A 601 -2.27 -16.29 51.57
C LEU A 601 -1.41 -15.13 52.10
N GLY A 602 -1.06 -14.25 51.17
CA GLY A 602 -0.26 -13.09 51.51
C GLY A 602 -0.65 -11.85 50.75
N THR A 603 0.22 -10.84 50.76
CA THR A 603 -0.04 -9.60 50.04
C THR A 603 1.28 -8.97 49.62
N VAL A 604 1.26 -8.27 48.49
CA VAL A 604 2.42 -7.58 47.95
C VAL A 604 2.01 -6.16 47.56
N GLN A 605 3.02 -5.30 47.43
CA GLN A 605 2.80 -3.92 46.99
C GLN A 605 4.02 -3.48 46.21
N ILE A 606 3.83 -3.16 44.94
CA ILE A 606 4.94 -2.85 44.03
C ILE A 606 5.35 -1.39 44.23
N LYS A 607 6.63 -1.16 44.50
CA LYS A 607 7.15 0.18 44.72
C LYS A 607 7.74 0.78 43.44
N ARG A 608 8.76 0.14 42.88
CA ARG A 608 9.44 0.63 41.69
C ARG A 608 9.45 -0.46 40.64
N ARG A 609 9.26 -0.06 39.38
CA ARG A 609 9.17 -1.00 38.27
C ARG A 609 10.19 -0.63 37.20
N PHE A 610 10.95 -1.62 36.75
CA PHE A 610 11.83 -1.48 35.59
C PHE A 610 11.18 -2.16 34.39
N GLN A 611 11.12 -1.45 33.28
CA GLN A 611 10.34 -1.88 32.12
C GLN A 611 11.15 -2.76 31.19
N PHE A 612 10.42 -3.58 30.43
CA PHE A 612 11.05 -4.43 29.42
C PHE A 612 11.56 -3.58 28.27
N SER A 613 12.75 -3.93 27.77
CA SER A 613 13.45 -3.10 26.80
C SER A 613 13.66 -3.76 25.44
N SER A 614 13.39 -5.06 25.31
CA SER A 614 13.54 -5.84 24.09
C SER A 614 14.99 -5.90 23.59
N ALA A 615 15.93 -5.41 24.40
CA ALA A 615 17.35 -5.58 24.17
C ALA A 615 18.09 -6.12 25.38
N LEU A 616 17.65 -5.77 26.59
CA LEU A 616 18.14 -6.43 27.80
C LEU A 616 17.47 -7.78 28.02
N LYS A 617 16.31 -7.99 27.39
CA LYS A 617 15.58 -9.26 27.41
C LYS A 617 15.20 -9.68 28.84
N ARG A 618 14.90 -8.69 29.68
CA ARG A 618 14.45 -8.99 31.04
C ARG A 618 13.68 -7.79 31.57
N GLN A 619 12.85 -8.06 32.58
CA GLN A 619 12.14 -7.02 33.30
C GLN A 619 12.20 -7.33 34.79
N SER A 620 12.23 -6.28 35.60
CA SER A 620 12.41 -6.42 37.04
C SER A 620 11.47 -5.47 37.77
N SER A 621 11.31 -5.73 39.07
CA SER A 621 10.46 -4.91 39.91
C SER A 621 10.91 -5.05 41.36
N VAL A 622 10.58 -4.04 42.16
CA VAL A 622 10.86 -4.03 43.59
C VAL A 622 9.53 -3.87 44.33
N ALA A 623 9.29 -4.74 45.30
CA ALA A 623 8.01 -4.75 46.00
C ALA A 623 8.21 -5.08 47.47
N THR A 624 7.20 -4.75 48.27
CA THR A 624 7.15 -5.07 49.68
C THR A 624 6.19 -6.24 49.87
N ILE A 625 6.67 -7.30 50.51
CA ILE A 625 5.92 -8.55 50.59
C ILE A 625 5.61 -8.88 52.05
N THR A 626 4.55 -9.67 52.23
CA THR A 626 4.20 -10.23 53.53
C THR A 626 3.41 -11.51 53.26
N ALA A 627 4.07 -12.66 53.45
CA ALA A 627 3.48 -13.95 53.09
C ALA A 627 3.52 -14.88 54.29
N THR A 628 2.59 -15.84 54.29
CA THR A 628 2.45 -16.80 55.38
C THR A 628 1.98 -18.12 54.78
N GLU A 629 2.92 -19.01 54.49
CA GLU A 629 2.59 -20.30 53.89
C GLU A 629 1.77 -21.13 54.86
N VAL A 630 0.69 -21.74 54.34
CA VAL A 630 -0.24 -22.46 55.20
C VAL A 630 0.23 -23.87 55.54
N LYS A 631 1.26 -24.37 54.85
CA LYS A 631 1.69 -25.75 55.09
C LYS A 631 2.70 -25.83 56.23
N THR A 632 3.83 -25.13 56.10
CA THR A 632 4.91 -25.21 57.08
C THR A 632 5.20 -23.87 57.74
N GLY A 633 4.24 -22.94 57.73
CA GLY A 633 4.47 -21.64 58.31
C GLY A 633 5.46 -20.81 57.53
N ARG A 634 6.66 -20.62 58.07
CA ARG A 634 7.79 -19.99 57.38
C ARG A 634 7.45 -18.57 56.93
N LYS A 635 7.26 -17.71 57.93
CA LYS A 635 6.97 -16.30 57.69
C LYS A 635 8.12 -15.63 56.93
N LEU A 636 7.76 -14.69 56.06
CA LEU A 636 8.75 -13.94 55.30
C LEU A 636 8.13 -12.59 54.95
N ARG A 637 8.86 -11.51 55.23
CA ARG A 637 8.36 -10.16 55.00
C ARG A 637 9.55 -9.24 54.80
N GLY A 638 9.28 -8.08 54.19
CA GLY A 638 10.31 -7.10 53.94
C GLY A 638 10.44 -6.74 52.48
N SER A 639 11.57 -6.17 52.09
CA SER A 639 11.80 -5.81 50.69
C SER A 639 12.03 -7.05 49.85
N PHE A 640 11.73 -6.93 48.56
CA PHE A 640 11.83 -8.06 47.64
C PHE A 640 12.12 -7.53 46.25
N VAL A 641 12.93 -8.29 45.51
CA VAL A 641 13.29 -7.96 44.13
C VAL A 641 12.98 -9.17 43.27
N GLY A 642 12.14 -8.99 42.25
CA GLY A 642 11.80 -10.05 41.34
C GLY A 642 12.15 -9.67 39.90
N VAL A 643 12.79 -10.59 39.19
CA VAL A 643 13.21 -10.37 37.81
C VAL A 643 12.82 -11.59 36.98
N LYS A 644 12.28 -11.33 35.80
CA LYS A 644 11.83 -12.39 34.89
C LYS A 644 12.27 -12.03 33.48
N GLY A 645 12.96 -12.94 32.81
CA GLY A 645 13.46 -12.66 31.49
C GLY A 645 13.87 -13.93 30.76
N ALA A 646 14.64 -13.75 29.70
CA ALA A 646 15.09 -14.87 28.89
C ALA A 646 16.05 -15.75 29.69
N PRO A 647 16.00 -17.07 29.52
CA PRO A 647 16.86 -17.95 30.33
C PRO A 647 18.35 -17.79 30.06
N GLU A 648 18.74 -17.31 28.89
CA GLU A 648 20.15 -17.14 28.56
C GLU A 648 20.74 -15.86 29.14
N THR A 649 19.92 -14.97 29.70
CA THR A 649 20.37 -13.73 30.31
C THR A 649 20.45 -13.82 31.83
N ILE A 650 19.48 -14.50 32.45
CA ILE A 650 19.51 -14.71 33.90
C ILE A 650 20.72 -15.54 34.29
N MET A 651 21.13 -16.49 33.44
CA MET A 651 22.30 -17.32 33.71
C MET A 651 23.56 -16.47 33.89
N LYS A 652 23.64 -15.32 33.22
CA LYS A 652 24.75 -14.40 33.42
C LYS A 652 24.58 -13.55 34.68
N MET A 653 23.43 -13.62 35.35
CA MET A 653 23.18 -12.84 36.55
C MET A 653 23.05 -13.69 37.80
N LEU A 654 23.11 -15.02 37.69
CA LEU A 654 23.06 -15.88 38.85
C LEU A 654 24.41 -15.86 39.60
N VAL A 655 24.42 -16.51 40.76
CA VAL A 655 25.64 -16.67 41.53
C VAL A 655 26.19 -18.09 41.41
N THR A 656 25.32 -19.10 41.47
CA THR A 656 25.71 -20.49 41.31
C THR A 656 24.70 -21.16 40.40
N VAL A 657 25.08 -21.43 39.15
CA VAL A 657 24.17 -22.09 38.22
C VAL A 657 24.02 -23.55 38.63
N PRO A 658 22.85 -24.16 38.40
CA PRO A 658 22.67 -25.57 38.79
C PRO A 658 23.41 -26.54 37.88
N GLU A 659 23.24 -27.84 38.13
CA GLU A 659 23.98 -28.85 37.37
C GLU A 659 23.45 -29.00 35.96
N HIS A 660 22.13 -28.87 35.77
CA HIS A 660 21.50 -29.13 34.48
C HIS A 660 20.60 -27.97 34.08
N TYR A 661 21.07 -26.74 34.23
CA TYR A 661 20.31 -25.57 33.82
C TYR A 661 20.16 -25.52 32.30
N GLU A 662 21.29 -25.62 31.58
CA GLU A 662 21.28 -25.45 30.13
C GLU A 662 20.50 -26.57 29.45
N GLU A 663 20.74 -27.81 29.86
CA GLU A 663 20.05 -28.94 29.24
C GLU A 663 18.55 -28.88 29.49
N THR A 664 18.14 -28.50 30.70
CA THR A 664 16.71 -28.42 31.00
C THR A 664 16.02 -27.34 30.17
N TYR A 665 16.59 -26.13 30.13
CA TYR A 665 15.89 -25.09 29.38
C TYR A 665 15.95 -25.36 27.88
N LYS A 666 17.03 -25.95 27.37
CA LYS A 666 17.10 -26.29 25.95
C LYS A 666 16.09 -27.37 25.61
N TYR A 667 15.94 -28.38 26.47
CA TYR A 667 14.94 -29.42 26.21
C TYR A 667 13.53 -28.86 26.24
N PHE A 668 13.24 -27.96 27.19
CA PHE A 668 11.90 -27.42 27.27
C PHE A 668 11.61 -26.37 26.20
N THR A 669 12.64 -25.78 25.58
CA THR A 669 12.40 -24.87 24.48
C THR A 669 12.50 -25.53 23.11
N ARG A 670 13.02 -26.76 23.04
CA ARG A 670 13.12 -27.45 21.76
C ARG A 670 11.79 -27.95 21.22
N ARG A 671 10.74 -27.98 22.05
CA ARG A 671 9.43 -28.49 21.64
C ARG A 671 8.43 -27.37 21.39
N GLY A 672 8.93 -26.17 21.07
CA GLY A 672 8.07 -25.06 20.75
C GLY A 672 7.51 -24.30 21.94
N SER A 673 7.82 -24.72 23.16
CA SER A 673 7.35 -24.00 24.34
C SER A 673 8.20 -22.76 24.56
N ARG A 674 7.61 -21.80 25.27
CA ARG A 674 8.28 -20.55 25.62
C ARG A 674 8.72 -20.63 27.08
N VAL A 675 10.01 -20.46 27.33
CA VAL A 675 10.59 -20.66 28.65
C VAL A 675 11.14 -19.32 29.15
N LEU A 676 10.73 -18.93 30.35
CA LEU A 676 11.22 -17.73 31.02
C LEU A 676 11.78 -18.11 32.39
N ALA A 677 12.90 -17.50 32.76
CA ALA A 677 13.54 -17.76 34.04
C ALA A 677 13.04 -16.80 35.10
N LEU A 678 13.04 -17.26 36.34
CA LEU A 678 12.60 -16.46 37.49
C LEU A 678 13.70 -16.44 38.54
N ALA A 679 14.02 -15.24 39.02
CA ALA A 679 15.07 -15.05 40.01
C ALA A 679 14.62 -14.02 41.03
N TYR A 680 15.08 -14.19 42.27
CA TYR A 680 14.68 -13.29 43.34
C TYR A 680 15.88 -12.96 44.22
N LYS A 681 15.80 -11.80 44.86
CA LYS A 681 16.83 -11.31 45.77
C LYS A 681 16.16 -10.52 46.88
N GLN A 682 16.59 -10.76 48.11
CA GLN A 682 16.07 -10.06 49.28
C GLN A 682 16.99 -8.90 49.64
N LEU A 683 16.40 -7.72 49.87
CA LEU A 683 17.17 -6.55 50.27
C LEU A 683 17.20 -6.39 51.79
N THR A 684 16.03 -6.36 52.43
CA THR A 684 15.93 -6.27 53.88
C THR A 684 15.05 -7.41 54.39
N THR A 685 15.54 -8.12 55.40
CA THR A 685 14.78 -9.22 55.99
C THR A 685 13.62 -8.74 56.85
N GLU A 686 13.59 -7.47 57.24
CA GLU A 686 12.52 -6.92 58.05
C GLU A 686 12.55 -5.41 57.95
N GLY A 687 11.41 -4.81 57.66
CA GLY A 687 11.29 -3.36 57.61
C GLY A 687 11.37 -2.82 56.19
N GLU A 688 10.83 -1.61 56.03
CA GLU A 688 10.84 -0.95 54.73
C GLU A 688 12.24 -0.44 54.39
N LEU A 689 12.49 -0.32 53.08
CA LEU A 689 13.74 0.27 52.61
C LEU A 689 13.72 1.79 52.65
N GLY A 690 12.55 2.39 52.75
CA GLY A 690 12.43 3.85 52.73
C GLY A 690 12.14 4.37 51.35
N ALA A 691 11.35 5.45 51.30
CA ALA A 691 10.97 6.04 50.02
C ALA A 691 12.16 6.64 49.30
N ASN A 692 13.07 7.29 50.04
CA ASN A 692 14.24 7.91 49.42
C ASN A 692 15.17 6.86 48.82
N LYS A 693 15.30 5.72 49.48
CA LYS A 693 16.19 4.67 48.97
C LYS A 693 15.62 4.02 47.72
N ILE A 694 14.32 3.70 47.73
CA ILE A 694 13.72 3.04 46.56
C ILE A 694 13.59 4.02 45.40
N ASN A 695 13.46 5.32 45.69
CA ASN A 695 13.36 6.30 44.62
C ASN A 695 14.69 6.54 43.92
N ASP A 696 15.81 6.14 44.53
CA ASP A 696 17.14 6.31 43.96
C ASP A 696 17.86 4.98 44.01
N LEU A 697 17.67 4.17 42.96
CA LEU A 697 18.36 2.89 42.82
C LEU A 697 18.68 2.66 41.35
N LYS A 698 19.90 2.22 41.08
CA LYS A 698 20.34 1.97 39.72
C LYS A 698 19.93 0.56 39.29
N ARG A 699 19.68 0.42 37.99
CA ARG A 699 19.23 -0.87 37.45
C ARG A 699 20.35 -1.91 37.53
N GLU A 700 21.60 -1.49 37.34
CA GLU A 700 22.71 -2.44 37.32
C GLU A 700 22.98 -3.02 38.71
N SER A 701 22.80 -2.23 39.76
CA SER A 701 23.06 -2.73 41.11
C SER A 701 21.97 -3.70 41.56
N VAL A 702 20.72 -3.44 41.17
CA VAL A 702 19.62 -4.31 41.59
C VAL A 702 19.71 -5.66 40.89
N GLU A 703 19.98 -5.67 39.60
CA GLU A 703 20.00 -6.90 38.81
C GLU A 703 21.35 -7.60 38.91
N ALA A 704 21.69 -7.98 40.15
CA ALA A 704 22.91 -8.74 40.43
C ALA A 704 22.72 -9.48 41.74
N ASP A 705 23.50 -10.55 41.92
CA ASP A 705 23.47 -11.40 43.11
C ASP A 705 22.08 -12.00 43.32
N LEU A 706 21.64 -12.74 42.32
CA LEU A 706 20.30 -13.32 42.29
C LEU A 706 20.32 -14.78 42.74
N HIS A 707 19.16 -15.26 43.17
CA HIS A 707 18.92 -16.67 43.44
C HIS A 707 18.19 -17.28 42.25
N PHE A 708 17.75 -18.52 42.39
CA PHE A 708 17.02 -19.19 41.32
C PHE A 708 15.72 -19.77 41.86
N ALA A 709 14.66 -19.63 41.06
CA ALA A 709 13.33 -20.12 41.43
C ALA A 709 12.83 -21.22 40.51
N GLY A 710 12.83 -21.00 39.20
CA GLY A 710 12.38 -22.01 38.28
C GLY A 710 12.14 -21.42 36.90
N PHE A 711 11.51 -22.23 36.05
CA PHE A 711 11.17 -21.83 34.69
C PHE A 711 9.66 -21.78 34.55
N LEU A 712 9.18 -20.81 33.77
CA LEU A 712 7.76 -20.73 33.41
C LEU A 712 7.61 -21.17 31.96
N VAL A 713 6.72 -22.13 31.74
CA VAL A 713 6.55 -22.76 30.43
C VAL A 713 5.20 -22.37 29.87
N LEU A 714 5.21 -21.79 28.67
CA LEU A 714 3.99 -21.37 27.98
C LEU A 714 3.96 -21.96 26.59
N GLN A 715 2.74 -22.18 26.08
CA GLN A 715 2.53 -22.70 24.73
C GLN A 715 1.67 -21.72 23.95
N CYS A 716 2.20 -21.17 22.88
CA CYS A 716 1.42 -20.32 22.00
C CYS A 716 0.72 -21.18 20.95
N PRO A 717 -0.60 -21.23 20.92
CA PRO A 717 -1.27 -22.11 19.95
C PRO A 717 -1.27 -21.49 18.56
N LEU A 718 -1.11 -22.35 17.57
CA LEU A 718 -1.10 -21.91 16.18
C LEU A 718 -2.49 -21.43 15.76
N LYS A 719 -2.51 -20.47 14.84
CA LYS A 719 -3.77 -20.00 14.30
C LYS A 719 -4.43 -21.09 13.47
N GLU A 720 -5.76 -21.04 13.39
CA GLU A 720 -6.52 -22.07 12.70
C GLU A 720 -6.30 -22.04 11.19
N ASP A 721 -5.97 -20.89 10.62
CA ASP A 721 -5.83 -20.75 9.17
C ASP A 721 -4.39 -20.74 8.69
N ALA A 722 -3.42 -20.95 9.57
CA ALA A 722 -2.01 -20.77 9.19
C ALA A 722 -1.57 -21.81 8.17
N LYS A 723 -1.83 -23.10 8.44
CA LYS A 723 -1.34 -24.17 7.58
C LYS A 723 -1.94 -24.08 6.19
N GLN A 724 -3.26 -23.83 6.10
CA GLN A 724 -3.92 -23.75 4.80
C GLN A 724 -3.46 -22.52 4.01
N ALA A 725 -3.35 -21.37 4.67
CA ALA A 725 -2.93 -20.15 4.00
C ALA A 725 -1.45 -20.11 3.68
N VAL A 726 -0.65 -21.03 4.21
CA VAL A 726 0.75 -21.13 3.81
C VAL A 726 0.86 -22.17 2.70
N ARG A 727 0.08 -23.26 2.80
CA ARG A 727 0.09 -24.26 1.75
C ARG A 727 -0.50 -23.76 0.44
N MET A 728 -1.39 -22.77 0.49
CA MET A 728 -1.83 -22.15 -0.75
C MET A 728 -0.76 -21.26 -1.36
N LEU A 729 0.03 -20.57 -0.52
CA LEU A 729 1.04 -19.67 -1.05
C LEU A 729 2.23 -20.44 -1.62
N ASN A 730 2.64 -21.52 -0.96
CA ASN A 730 3.79 -22.29 -1.43
C ASN A 730 3.52 -22.98 -2.75
N GLU A 731 2.25 -23.31 -3.04
CA GLU A 731 1.89 -24.10 -4.21
C GLU A 731 1.25 -23.24 -5.30
N SER A 732 1.53 -21.95 -5.31
CA SER A 732 1.00 -21.04 -6.33
C SER A 732 2.10 -20.11 -6.81
N SER A 733 3.29 -20.66 -7.05
CA SER A 733 4.44 -19.97 -7.62
C SER A 733 4.97 -18.83 -6.75
N HIS A 734 4.77 -18.91 -5.44
CA HIS A 734 5.36 -17.98 -4.49
C HIS A 734 6.39 -18.71 -3.63
N ARG A 735 7.04 -17.95 -2.75
CA ARG A 735 7.94 -18.50 -1.76
C ARG A 735 7.69 -17.84 -0.43
N VAL A 736 7.57 -18.64 0.63
CA VAL A 736 7.22 -18.15 1.95
C VAL A 736 8.45 -18.29 2.83
N VAL A 737 8.97 -17.16 3.30
CA VAL A 737 10.05 -17.14 4.27
C VAL A 737 9.50 -16.58 5.58
N MET A 738 10.28 -16.72 6.65
CA MET A 738 9.85 -16.28 7.97
C MET A 738 10.95 -15.46 8.61
N ILE A 739 10.60 -14.27 9.10
CA ILE A 739 11.54 -13.37 9.75
C ILE A 739 11.00 -13.10 11.14
N THR A 740 11.46 -13.86 12.13
CA THR A 740 10.97 -13.79 13.50
C THR A 740 11.99 -13.12 14.40
N GLY A 741 11.70 -13.10 15.70
CA GLY A 741 12.61 -12.48 16.66
C GLY A 741 12.87 -13.35 17.87
N ASP A 742 12.53 -14.63 17.79
CA ASP A 742 12.73 -15.57 18.89
C ASP A 742 14.00 -16.36 18.68
N ASN A 743 14.28 -17.25 19.65
CA ASN A 743 15.44 -18.12 19.55
C ASN A 743 15.23 -19.12 18.40
N PRO A 744 16.32 -19.57 17.76
CA PRO A 744 16.17 -20.35 16.52
C PRO A 744 15.41 -21.66 16.67
N LEU A 745 15.43 -22.29 17.85
CA LEU A 745 14.75 -23.57 18.01
C LEU A 745 13.25 -23.43 17.88
N THR A 746 12.67 -22.40 18.50
CA THR A 746 11.23 -22.16 18.38
C THR A 746 10.85 -21.82 16.95
N ALA A 747 11.67 -21.01 16.27
CA ALA A 747 11.41 -20.67 14.88
C ALA A 747 11.45 -21.90 13.98
N VAL A 748 12.42 -22.79 14.19
CA VAL A 748 12.50 -24.01 13.41
C VAL A 748 11.30 -24.91 13.66
N HIS A 749 10.88 -25.03 14.93
CA HIS A 749 9.72 -25.85 15.25
C HIS A 749 8.45 -25.30 14.61
N VAL A 750 8.26 -23.99 14.67
CA VAL A 750 7.07 -23.38 14.06
C VAL A 750 7.10 -23.55 12.55
N ALA A 751 8.27 -23.35 11.93
CA ALA A 751 8.39 -23.51 10.48
C ALA A 751 8.15 -24.94 10.05
N LYS A 752 8.53 -25.92 10.88
CA LYS A 752 8.24 -27.31 10.56
C LYS A 752 6.77 -27.64 10.76
N GLU A 753 6.11 -27.01 11.74
CA GLU A 753 4.69 -27.23 11.95
C GLU A 753 3.84 -26.61 10.83
N VAL A 754 4.29 -25.47 10.30
CA VAL A 754 3.52 -24.68 9.35
C VAL A 754 3.87 -25.16 7.94
N GLU A 755 4.86 -26.06 7.88
CA GLU A 755 5.35 -26.64 6.62
C GLU A 755 5.97 -25.57 5.71
N ILE A 756 6.97 -24.88 6.25
CA ILE A 756 7.84 -24.00 5.46
C ILE A 756 9.12 -24.72 5.06
N VAL A 757 9.76 -25.38 6.00
CA VAL A 757 10.93 -26.22 5.74
C VAL A 757 10.51 -27.68 5.83
N ASP A 758 11.17 -28.52 5.04
CA ASP A 758 10.81 -29.93 4.94
C ASP A 758 11.94 -30.88 5.29
N ARG A 759 13.16 -30.59 4.85
CA ARG A 759 14.29 -31.48 5.10
C ARG A 759 14.95 -31.11 6.42
N ASP A 760 16.12 -31.70 6.69
CA ASP A 760 16.88 -31.34 7.88
C ASP A 760 17.42 -29.93 7.76
N VAL A 761 17.35 -29.18 8.86
CA VAL A 761 17.80 -27.80 8.87
C VAL A 761 19.12 -27.71 9.60
N LEU A 762 19.85 -26.62 9.37
CA LEU A 762 21.13 -26.36 10.01
C LEU A 762 21.15 -24.91 10.46
N ILE A 763 21.36 -24.69 11.76
CA ILE A 763 21.33 -23.36 12.34
C ILE A 763 22.73 -22.76 12.29
N LEU A 764 22.83 -21.56 11.73
CA LEU A 764 24.10 -20.85 11.61
C LEU A 764 24.15 -19.77 12.69
N ASP A 765 24.98 -19.98 13.70
CA ASP A 765 25.03 -19.08 14.85
C ASP A 765 26.38 -19.25 15.54
N ALA A 766 26.73 -18.25 16.36
CA ALA A 766 27.92 -18.33 17.17
C ALA A 766 27.78 -19.47 18.18
N PRO A 767 28.88 -20.18 18.51
CA PRO A 767 28.77 -21.30 19.43
C PRO A 767 28.77 -20.89 20.89
N SER A 776 32.53 -17.19 15.79
CA SER A 776 33.09 -18.32 15.07
C SER A 776 32.19 -18.74 13.90
N LEU A 777 30.88 -18.58 14.11
CA LEU A 777 29.86 -18.84 13.09
C LEU A 777 29.92 -20.29 12.60
N VAL A 778 29.67 -21.20 13.53
CA VAL A 778 29.66 -22.63 13.22
C VAL A 778 28.26 -23.07 12.84
N TRP A 779 28.19 -24.13 12.05
CA TRP A 779 26.91 -24.73 11.69
C TRP A 779 26.45 -25.65 12.82
N ARG A 780 25.20 -25.48 13.25
CA ARG A 780 24.63 -26.27 14.33
C ARG A 780 23.38 -26.98 13.85
N SER A 781 23.13 -28.15 14.42
CA SER A 781 21.91 -28.89 14.20
C SER A 781 20.93 -28.65 15.35
N VAL A 782 19.68 -29.03 15.12
CA VAL A 782 18.65 -28.88 16.16
C VAL A 782 18.96 -29.79 17.36
N ASP A 783 19.33 -31.04 17.09
CA ASP A 783 19.69 -31.97 18.14
C ASP A 783 21.14 -31.83 18.58
N ASP A 784 21.90 -30.93 17.94
CA ASP A 784 23.30 -30.65 18.29
C ASP A 784 24.17 -31.91 18.18
N LYS A 785 24.16 -32.49 16.98
CA LYS A 785 25.03 -33.61 16.65
C LYS A 785 26.02 -33.30 15.53
N ILE A 786 25.82 -32.20 14.80
CA ILE A 786 26.71 -31.80 13.72
C ILE A 786 27.23 -30.40 14.02
N ARG A 787 28.54 -30.25 14.04
CA ARG A 787 29.18 -28.96 14.30
C ARG A 787 30.24 -28.73 13.23
N ILE A 788 29.92 -27.91 12.24
CA ILE A 788 30.82 -27.61 11.13
C ILE A 788 31.16 -26.13 11.19
N ASP A 789 32.46 -25.83 11.24
CA ASP A 789 32.92 -24.45 11.26
C ASP A 789 33.11 -23.94 9.84
N VAL A 790 32.74 -22.68 9.63
CA VAL A 790 32.90 -22.03 8.33
C VAL A 790 33.46 -20.62 8.56
N ASP A 791 34.40 -20.23 7.69
CA ASP A 791 35.03 -18.91 7.71
C ASP A 791 34.28 -17.97 6.78
N PRO A 792 33.92 -16.76 7.23
CA PRO A 792 33.07 -15.89 6.41
C PRO A 792 33.68 -15.44 5.10
N THR A 793 35.02 -15.43 4.96
CA THR A 793 35.62 -14.99 3.72
C THR A 793 35.43 -16.02 2.60
N LYS A 794 35.58 -17.30 2.92
CA LYS A 794 35.41 -18.34 1.93
C LYS A 794 33.92 -18.51 1.59
N PRO A 795 33.61 -18.87 0.35
CA PRO A 795 32.23 -19.20 0.01
C PRO A 795 31.78 -20.48 0.68
N ILE A 796 30.48 -20.58 0.92
CA ILE A 796 29.93 -21.71 1.66
C ILE A 796 29.91 -22.96 0.76
N ASP A 797 29.78 -24.11 1.41
CA ASP A 797 29.86 -25.39 0.70
C ASP A 797 28.62 -25.60 -0.16
N PRO A 798 28.78 -26.00 -1.43
CA PRO A 798 27.61 -26.27 -2.27
C PRO A 798 26.74 -27.41 -1.75
N GLU A 799 27.33 -28.43 -1.10
CA GLU A 799 26.54 -29.55 -0.60
C GLU A 799 25.60 -29.11 0.51
N ILE A 800 26.04 -28.19 1.37
CA ILE A 800 25.16 -27.66 2.41
C ILE A 800 24.00 -26.89 1.78
N LEU A 801 24.28 -26.10 0.76
CA LEU A 801 23.23 -25.37 0.05
C LEU A 801 22.29 -26.31 -0.71
N LYS A 802 22.75 -27.50 -1.08
CA LYS A 802 21.94 -28.38 -1.91
C LYS A 802 21.09 -29.36 -1.12
N THR A 803 21.67 -29.99 -0.09
CA THR A 803 21.01 -31.11 0.59
C THR A 803 20.37 -30.73 1.92
N LYS A 804 20.49 -29.48 2.37
CA LYS A 804 19.96 -29.07 3.66
C LYS A 804 19.27 -27.72 3.54
N ASP A 805 18.32 -27.50 4.44
CA ASP A 805 17.70 -26.19 4.61
C ASP A 805 18.51 -25.38 5.63
N LEU A 806 18.37 -24.06 5.55
CA LEU A 806 19.20 -23.16 6.34
C LEU A 806 18.34 -22.29 7.24
N CYS A 807 18.89 -21.98 8.42
CA CYS A 807 18.29 -21.04 9.36
C CYS A 807 19.40 -20.10 9.82
N VAL A 808 19.41 -18.87 9.31
CA VAL A 808 20.48 -17.91 9.55
C VAL A 808 20.02 -16.94 10.64
N THR A 809 20.83 -16.82 11.68
CA THR A 809 20.51 -15.95 12.81
C THR A 809 20.85 -14.51 12.47
N GLY A 810 20.82 -13.64 13.47
CA GLY A 810 21.13 -12.23 13.26
C GLY A 810 22.62 -11.92 13.36
N TYR A 811 23.30 -12.56 14.32
CA TYR A 811 24.73 -12.34 14.50
C TYR A 811 25.51 -12.83 13.29
N ALA A 812 25.18 -14.02 12.79
CA ALA A 812 25.88 -14.58 11.64
C ALA A 812 25.64 -13.74 10.39
N LEU A 813 24.41 -13.24 10.21
CA LEU A 813 24.14 -12.35 9.09
C LEU A 813 24.86 -11.02 9.24
N ASN A 814 25.05 -10.56 10.48
CA ASN A 814 25.81 -9.34 10.71
C ASN A 814 27.27 -9.52 10.38
N LYS A 815 27.83 -10.71 10.63
CA LYS A 815 29.22 -10.98 10.29
C LYS A 815 29.42 -11.32 8.82
N PHE A 816 28.36 -11.49 8.05
CA PHE A 816 28.43 -11.77 6.62
C PHE A 816 28.13 -10.54 5.77
N LYS A 817 28.17 -9.34 6.35
CA LYS A 817 27.73 -8.13 5.67
C LYS A 817 28.73 -7.72 4.60
N GLY A 818 28.30 -7.71 3.34
CA GLY A 818 29.08 -7.16 2.25
C GLY A 818 30.10 -8.09 1.64
N GLN A 819 30.26 -9.30 2.16
CA GLN A 819 31.28 -10.21 1.66
C GLN A 819 30.71 -11.03 0.50
N VAL A 820 31.49 -12.01 0.03
CA VAL A 820 31.12 -12.73 -1.19
C VAL A 820 29.98 -13.71 -0.94
N GLY A 821 29.81 -14.18 0.30
CA GLY A 821 28.77 -15.14 0.61
C GLY A 821 27.42 -14.57 0.92
N TRP A 822 27.27 -13.24 0.94
CA TRP A 822 25.99 -12.63 1.31
C TRP A 822 24.96 -12.72 0.20
N LYS A 823 25.37 -12.86 -1.06
CA LYS A 823 24.43 -13.02 -2.15
C LYS A 823 23.78 -14.40 -2.19
N SER A 824 24.50 -15.43 -1.74
CA SER A 824 23.98 -16.79 -1.72
C SER A 824 23.36 -17.17 -0.39
N LEU A 825 23.37 -16.27 0.60
CA LEU A 825 22.68 -16.48 1.86
C LEU A 825 21.31 -15.81 1.89
N LEU A 826 20.89 -15.21 0.78
CA LEU A 826 19.54 -14.68 0.64
C LEU A 826 18.71 -15.44 -0.37
N ARG A 827 19.29 -16.44 -1.04
CA ARG A 827 18.58 -17.24 -2.03
C ARG A 827 18.30 -18.65 -1.55
N TYR A 828 18.96 -19.10 -0.47
CA TYR A 828 18.79 -20.47 0.01
C TYR A 828 18.33 -20.56 1.46
N THR A 829 18.02 -19.45 2.11
CA THR A 829 17.56 -19.45 3.49
C THR A 829 16.13 -18.96 3.57
N TRP A 830 15.33 -19.62 4.40
CA TRP A 830 13.92 -19.28 4.54
C TRP A 830 13.48 -19.03 5.97
N VAL A 831 14.38 -19.17 6.96
CA VAL A 831 14.04 -18.93 8.35
C VAL A 831 15.11 -18.01 8.94
N TYR A 832 14.76 -16.76 9.19
CA TYR A 832 15.64 -15.82 9.88
C TYR A 832 15.14 -15.66 11.31
N ALA A 833 15.99 -16.01 12.27
CA ALA A 833 15.63 -15.97 13.67
C ALA A 833 16.54 -15.01 14.43
N ARG A 834 15.98 -14.33 15.42
CA ARG A 834 16.70 -13.43 16.33
C ARG A 834 17.38 -12.30 15.57
N VAL A 835 16.57 -11.50 14.89
CA VAL A 835 17.05 -10.36 14.12
C VAL A 835 16.44 -9.08 14.68
N SER A 836 17.24 -8.02 14.73
CA SER A 836 16.78 -6.72 15.17
C SER A 836 15.83 -6.11 14.14
N PRO A 837 15.00 -5.14 14.55
CA PRO A 837 14.11 -4.49 13.56
C PRO A 837 14.85 -3.78 12.44
N LYS A 838 16.11 -3.37 12.64
CA LYS A 838 16.89 -2.81 11.54
C LYS A 838 17.30 -3.89 10.54
N GLN A 839 17.66 -5.07 11.04
CA GLN A 839 18.05 -6.15 10.14
C GLN A 839 16.88 -6.67 9.30
N LYS A 840 15.64 -6.48 9.75
CA LYS A 840 14.49 -6.89 8.94
C LYS A 840 14.42 -6.08 7.66
N GLU A 841 14.49 -4.75 7.77
CA GLU A 841 14.50 -3.93 6.57
C GLU A 841 15.80 -4.06 5.80
N ASP A 842 16.91 -4.40 6.47
CA ASP A 842 18.13 -4.72 5.76
C ASP A 842 17.95 -5.93 4.85
N ILE A 843 17.32 -6.99 5.38
CA ILE A 843 17.06 -8.20 4.59
C ILE A 843 16.08 -7.89 3.46
N LEU A 844 15.06 -7.09 3.73
CA LEU A 844 14.08 -6.75 2.70
C LEU A 844 14.73 -5.93 1.58
N LEU A 845 15.62 -4.99 1.93
CA LEU A 845 16.33 -4.22 0.92
C LEU A 845 17.27 -5.12 0.11
N GLY A 846 17.95 -6.05 0.77
CA GLY A 846 18.83 -6.96 0.06
C GLY A 846 18.08 -7.88 -0.89
N LEU A 847 16.87 -8.28 -0.52
CA LEU A 847 16.04 -9.09 -1.41
C LEU A 847 15.45 -8.26 -2.54
N LYS A 848 15.13 -7.00 -2.29
CA LYS A 848 14.59 -6.13 -3.33
C LYS A 848 15.66 -5.79 -4.37
N ASP A 849 16.91 -5.63 -3.92
CA ASP A 849 17.98 -5.25 -4.83
C ASP A 849 18.34 -6.36 -5.83
N MET A 850 17.88 -7.58 -5.63
CA MET A 850 18.12 -8.67 -6.56
C MET A 850 17.07 -8.76 -7.66
N GLY A 851 16.03 -7.95 -7.61
CA GLY A 851 14.98 -7.97 -8.61
C GLY A 851 13.71 -8.69 -8.23
N TYR A 852 13.61 -9.19 -6.99
CA TYR A 852 12.40 -9.86 -6.54
C TYR A 852 11.41 -8.85 -5.98
N TYR A 853 10.15 -9.25 -5.94
CA TYR A 853 9.08 -8.47 -5.34
C TYR A 853 8.68 -9.10 -4.02
N THR A 854 8.61 -8.30 -2.97
CA THR A 854 8.45 -8.81 -1.62
C THR A 854 7.13 -8.35 -1.01
N LEU A 855 6.66 -9.14 -0.05
CA LEU A 855 5.48 -8.81 0.75
C LEU A 855 5.84 -9.04 2.22
N MET A 856 5.38 -8.13 3.08
CA MET A 856 5.65 -8.21 4.51
C MET A 856 4.33 -8.16 5.26
N ALA A 857 4.10 -9.15 6.12
CA ALA A 857 2.89 -9.23 6.92
C ALA A 857 3.29 -9.26 8.40
N GLY A 858 2.99 -8.19 9.11
CA GLY A 858 3.37 -8.09 10.51
C GLY A 858 2.27 -7.55 11.41
N ASP A 859 2.58 -7.39 12.69
CA ASP A 859 1.61 -6.90 13.66
C ASP A 859 1.45 -5.39 13.62
N GLY A 860 2.37 -4.67 13.00
CA GLY A 860 2.26 -3.23 12.84
C GLY A 860 2.84 -2.41 13.98
N THR A 861 3.37 -3.06 15.02
CA THR A 861 3.92 -2.34 16.17
C THR A 861 5.42 -2.50 16.31
N ASN A 862 5.91 -3.74 16.27
CA ASN A 862 7.35 -3.97 16.47
C ASN A 862 8.16 -3.42 15.31
N ASP A 863 7.75 -3.72 14.07
CA ASP A 863 8.45 -3.28 12.88
C ASP A 863 7.58 -2.29 12.12
N VAL A 864 8.11 -1.11 11.85
CA VAL A 864 7.43 -0.08 11.08
C VAL A 864 8.14 0.23 9.77
N GLY A 865 9.47 0.35 9.81
CA GLY A 865 10.23 0.56 8.59
C GLY A 865 10.21 -0.63 7.67
N ALA A 866 10.15 -1.85 8.23
CA ALA A 866 10.10 -3.05 7.41
C ALA A 866 8.81 -3.13 6.61
N LEU A 867 7.69 -2.72 7.21
CA LEU A 867 6.41 -2.77 6.51
C LEU A 867 6.33 -1.77 5.36
N LYS A 868 7.17 -0.72 5.38
CA LYS A 868 7.18 0.26 4.31
C LYS A 868 8.30 0.03 3.31
N GLN A 869 9.37 -0.68 3.69
CA GLN A 869 10.44 -0.97 2.75
C GLN A 869 9.99 -1.95 1.67
N ALA A 870 9.14 -2.90 2.02
CA ALA A 870 8.68 -3.90 1.08
C ALA A 870 7.75 -3.27 0.03
N HIS A 871 7.56 -4.00 -1.07
CA HIS A 871 6.73 -3.49 -2.16
C HIS A 871 5.28 -3.33 -1.73
N VAL A 872 4.75 -4.31 -1.00
CA VAL A 872 3.39 -4.25 -0.46
C VAL A 872 3.42 -4.76 0.97
N GLY A 873 2.84 -4.00 1.89
CA GLY A 873 2.85 -4.37 3.29
C GLY A 873 1.46 -4.53 3.88
N VAL A 874 1.25 -5.59 4.64
CA VAL A 874 -0.04 -5.87 5.26
C VAL A 874 0.14 -5.87 6.77
N ALA A 875 -0.78 -5.22 7.47
CA ALA A 875 -0.77 -5.15 8.94
C ALA A 875 -2.01 -5.88 9.44
N LEU A 876 -1.81 -7.10 9.95
CA LEU A 876 -2.92 -7.94 10.41
C LEU A 876 -3.29 -7.54 11.83
N LEU A 877 -4.50 -7.02 12.01
CA LEU A 877 -4.98 -6.60 13.31
C LEU A 877 -5.53 -7.80 14.09
N ASN A 878 -6.20 -7.54 15.20
CA ASN A 878 -6.63 -8.59 16.11
C ASN A 878 -8.14 -8.69 16.29
N GLY A 879 -8.93 -8.00 15.48
CA GLY A 879 -10.38 -8.04 15.63
C GLY A 879 -10.96 -9.34 15.08
N THR A 880 -11.96 -9.85 15.80
CA THR A 880 -12.65 -11.07 15.40
C THR A 880 -13.85 -10.74 14.51
N GLN A 881 -14.47 -11.79 13.96
CA GLN A 881 -15.63 -11.58 13.10
C GLN A 881 -16.85 -11.15 13.91
N GLU A 882 -17.00 -11.68 15.13
CA GLU A 882 -18.13 -11.30 15.98
C GLU A 882 -18.05 -9.85 16.42
N ASP A 883 -16.86 -9.28 16.51
CA ASP A 883 -16.74 -7.84 16.78
C ASP A 883 -17.27 -7.03 15.61
N LEU A 884 -17.02 -7.48 14.37
CA LEU A 884 -17.55 -6.78 13.20
C LEU A 884 -19.05 -6.99 13.06
N ASN A 885 -19.56 -8.13 13.52
CA ASN A 885 -20.99 -8.40 13.42
C ASN A 885 -21.80 -7.47 14.30
N ARG A 886 -21.38 -7.28 15.55
CA ARG A 886 -22.12 -6.40 16.45
C ARG A 886 -21.92 -4.92 16.11
N ILE A 887 -20.86 -4.57 15.40
CA ILE A 887 -20.64 -3.19 15.00
C ILE A 887 -20.84 -3.04 13.49
N ASP A 1005 -18.25 0.95 -7.80
CA ASP A 1005 -18.15 1.99 -6.79
C ASP A 1005 -16.89 1.80 -5.95
N GLU A 1006 -16.25 2.92 -5.59
CA GLU A 1006 -15.09 2.91 -4.71
C GLU A 1006 -15.51 2.47 -3.32
N PRO A 1007 -14.60 1.95 -2.50
CA PRO A 1007 -14.96 1.57 -1.14
C PRO A 1007 -15.37 2.76 -0.33
N PRO A 1008 -16.09 2.56 0.78
CA PRO A 1008 -16.39 3.67 1.69
C PRO A 1008 -15.12 4.40 2.13
N THR A 1009 -15.18 5.73 2.07
CA THR A 1009 -14.00 6.55 2.25
C THR A 1009 -13.40 6.33 3.64
N LEU A 1010 -12.07 6.19 3.67
CA LEU A 1010 -11.38 5.72 4.87
C LEU A 1010 -11.48 6.77 5.98
N LYS A 1011 -12.25 6.46 7.01
CA LYS A 1011 -12.23 7.27 8.22
C LYS A 1011 -10.93 7.01 8.98
N LEU A 1012 -10.70 7.82 10.02
CA LEU A 1012 -9.47 7.69 10.79
C LEU A 1012 -9.38 6.38 11.56
N GLY A 1013 -10.52 5.73 11.81
CA GLY A 1013 -10.54 4.44 12.46
C GLY A 1013 -10.41 3.24 11.54
N ASP A 1014 -10.19 3.47 10.25
CA ASP A 1014 -10.13 2.38 9.27
C ASP A 1014 -8.72 2.09 8.78
N ALA A 1015 -7.87 3.09 8.62
CA ALA A 1015 -6.53 2.91 8.10
C ALA A 1015 -5.51 2.96 9.23
N SER A 1016 -4.34 2.38 8.98
CA SER A 1016 -3.26 2.30 9.95
C SER A 1016 -2.06 3.10 9.46
N VAL A 1017 -1.34 3.71 10.41
CA VAL A 1017 -0.19 4.53 10.08
C VAL A 1017 1.08 3.71 9.84
N ALA A 1018 1.04 2.40 10.06
CA ALA A 1018 2.24 1.58 9.96
C ALA A 1018 2.44 0.99 8.57
N ALA A 1019 1.38 0.46 7.96
CA ALA A 1019 1.48 -0.26 6.70
C ALA A 1019 0.44 0.29 5.74
N PRO A 1020 0.68 0.18 4.42
CA PRO A 1020 -0.34 0.63 3.46
C PRO A 1020 -1.65 -0.12 3.57
N PHE A 1021 -1.62 -1.44 3.49
CA PHE A 1021 -2.82 -2.24 3.64
C PHE A 1021 -3.12 -2.48 5.11
N THR A 1022 -4.37 -2.88 5.38
CA THR A 1022 -4.80 -3.14 6.75
C THR A 1022 -6.00 -4.08 6.76
N SER A 1023 -5.87 -5.21 7.44
CA SER A 1023 -6.97 -6.16 7.58
C SER A 1023 -7.43 -6.16 9.03
N LYS A 1024 -8.73 -5.95 9.23
CA LYS A 1024 -9.28 -5.91 10.58
C LYS A 1024 -9.60 -7.28 11.14
N LEU A 1025 -9.41 -8.34 10.36
CA LEU A 1025 -9.59 -9.70 10.83
C LEU A 1025 -8.23 -10.33 11.10
N ARG A 1026 -8.20 -11.25 12.06
CA ARG A 1026 -6.96 -11.89 12.48
C ARG A 1026 -6.58 -13.08 11.62
N ASN A 1027 -7.37 -13.40 10.60
CA ASN A 1027 -7.11 -14.57 9.77
C ASN A 1027 -5.85 -14.39 8.94
N VAL A 1028 -5.12 -15.49 8.75
CA VAL A 1028 -3.97 -15.49 7.85
C VAL A 1028 -4.43 -15.53 6.40
N MET A 1029 -5.71 -15.84 6.17
CA MET A 1029 -6.28 -15.96 4.82
C MET A 1029 -6.40 -14.61 4.13
N ALA A 1030 -6.13 -13.51 4.84
CA ALA A 1030 -6.22 -12.18 4.25
C ALA A 1030 -5.10 -11.89 3.25
N ILE A 1031 -4.02 -12.66 3.26
CA ILE A 1031 -2.93 -12.48 2.30
C ILE A 1031 -3.27 -13.10 0.94
N PRO A 1032 -3.79 -14.35 0.85
CA PRO A 1032 -4.20 -14.86 -0.47
C PRO A 1032 -5.29 -14.04 -1.12
N ASN A 1033 -6.17 -13.40 -0.35
CA ASN A 1033 -7.20 -12.55 -0.97
C ASN A 1033 -6.57 -11.35 -1.67
N ILE A 1034 -5.58 -10.73 -1.05
CA ILE A 1034 -4.87 -9.62 -1.68
C ILE A 1034 -4.11 -10.12 -2.91
N LEU A 1035 -3.44 -11.26 -2.78
CA LEU A 1035 -2.67 -11.81 -3.91
C LEU A 1035 -3.55 -12.29 -5.04
N ARG A 1036 -4.83 -12.57 -4.79
CA ARG A 1036 -5.77 -12.94 -5.84
C ARG A 1036 -6.40 -11.72 -6.51
N GLN A 1037 -6.74 -10.69 -5.72
CA GLN A 1037 -7.28 -9.47 -6.31
C GLN A 1037 -6.24 -8.76 -7.17
N GLY A 1038 -5.00 -8.67 -6.68
CA GLY A 1038 -3.93 -8.08 -7.47
C GLY A 1038 -3.54 -8.90 -8.69
N ARG A 1039 -3.97 -10.16 -8.75
CA ARG A 1039 -3.76 -11.02 -9.91
C ARG A 1039 -4.90 -10.91 -10.91
N CYS A 1040 -6.13 -10.70 -10.44
CA CYS A 1040 -7.26 -10.49 -11.35
C CYS A 1040 -7.25 -9.10 -11.99
N THR A 1041 -6.69 -8.11 -11.29
CA THR A 1041 -6.63 -6.76 -11.84
C THR A 1041 -5.82 -6.71 -13.13
N LEU A 1042 -4.66 -7.39 -13.15
CA LEU A 1042 -3.83 -7.42 -14.35
C LEU A 1042 -4.55 -8.09 -15.51
N VAL A 1043 -5.29 -9.16 -15.22
CA VAL A 1043 -6.03 -9.88 -16.26
C VAL A 1043 -7.11 -8.98 -16.86
N ALA A 1044 -7.85 -8.25 -16.02
CA ALA A 1044 -8.87 -7.34 -16.53
C ALA A 1044 -8.25 -6.23 -17.37
N THR A 1045 -7.12 -5.69 -16.93
CA THR A 1045 -6.44 -4.64 -17.70
C THR A 1045 -5.98 -5.16 -19.06
N ILE A 1046 -5.43 -6.37 -19.09
CA ILE A 1046 -4.98 -6.97 -20.34
C ILE A 1046 -6.14 -7.19 -21.30
N GLN A 1047 -7.28 -7.69 -20.79
CA GLN A 1047 -8.41 -7.93 -21.68
C GLN A 1047 -8.99 -6.62 -22.23
N MET A 1048 -9.01 -5.55 -21.43
CA MET A 1048 -9.52 -4.29 -21.96
C MET A 1048 -8.55 -3.69 -22.99
N TYR A 1049 -7.24 -3.81 -22.74
CA TYR A 1049 -6.26 -3.35 -23.72
C TYR A 1049 -6.38 -4.12 -25.03
N LYS A 1050 -6.66 -5.42 -24.96
CA LYS A 1050 -6.81 -6.20 -26.19
C LYS A 1050 -8.13 -5.92 -26.90
N ILE A 1051 -9.19 -5.55 -26.18
CA ILE A 1051 -10.47 -5.30 -26.83
C ILE A 1051 -10.50 -3.93 -27.52
N LEU A 1052 -10.02 -2.88 -26.84
CA LEU A 1052 -10.17 -1.52 -27.37
C LEU A 1052 -9.39 -1.32 -28.66
N ALA A 1053 -8.16 -1.83 -28.72
CA ALA A 1053 -7.33 -1.66 -29.92
C ALA A 1053 -7.94 -2.37 -31.11
N LEU A 1054 -8.48 -3.57 -30.90
CA LEU A 1054 -9.13 -4.30 -31.97
C LEU A 1054 -10.37 -3.57 -32.47
N ASN A 1055 -11.17 -3.01 -31.56
CA ASN A 1055 -12.33 -2.22 -31.98
C ASN A 1055 -11.92 -1.02 -32.83
N CYS A 1056 -10.89 -0.29 -32.40
CA CYS A 1056 -10.46 0.90 -33.13
C CYS A 1056 -9.90 0.53 -34.50
N LEU A 1057 -9.09 -0.54 -34.57
CA LEU A 1057 -8.53 -0.96 -35.84
C LEU A 1057 -9.58 -1.53 -36.79
N ILE A 1058 -10.67 -2.10 -36.27
CA ILE A 1058 -11.76 -2.51 -37.13
C ILE A 1058 -12.48 -1.30 -37.70
N SER A 1059 -12.77 -0.31 -36.85
CA SER A 1059 -13.50 0.87 -37.31
C SER A 1059 -12.71 1.65 -38.36
N ALA A 1060 -11.40 1.82 -38.13
CA ALA A 1060 -10.58 2.60 -39.05
C ALA A 1060 -10.50 1.94 -40.42
N TYR A 1061 -10.29 0.63 -40.45
CA TYR A 1061 -10.17 -0.05 -41.73
C TYR A 1061 -11.51 -0.33 -42.39
N SER A 1062 -12.62 -0.20 -41.67
CA SER A 1062 -13.91 -0.14 -42.34
C SER A 1062 -14.13 1.21 -43.01
N LEU A 1063 -13.78 2.29 -42.31
CA LEU A 1063 -13.90 3.63 -42.90
C LEU A 1063 -12.99 3.78 -44.11
N SER A 1064 -11.77 3.24 -44.03
CA SER A 1064 -10.84 3.33 -45.15
C SER A 1064 -11.33 2.55 -46.37
N VAL A 1065 -11.99 1.41 -46.15
CA VAL A 1065 -12.54 0.65 -47.27
C VAL A 1065 -13.70 1.40 -47.90
N LEU A 1066 -14.58 1.98 -47.07
CA LEU A 1066 -15.73 2.69 -47.61
C LEU A 1066 -15.32 3.95 -48.35
N TYR A 1067 -14.33 4.69 -47.84
CA TYR A 1067 -13.99 5.98 -48.43
C TYR A 1067 -13.21 5.86 -49.73
N LEU A 1068 -12.75 4.67 -50.11
CA LEU A 1068 -12.12 4.49 -51.40
C LEU A 1068 -13.12 4.51 -52.55
N GLU A 1069 -14.41 4.36 -52.26
CA GLU A 1069 -15.44 4.37 -53.29
C GLU A 1069 -16.24 5.66 -53.34
N GLY A 1070 -16.07 6.55 -52.36
CA GLY A 1070 -16.79 7.80 -52.32
C GLY A 1070 -18.05 7.81 -51.48
N ILE A 1071 -18.58 6.63 -51.15
CA ILE A 1071 -19.78 6.53 -50.32
C ILE A 1071 -19.38 6.65 -48.84
N LYS A 1072 -20.36 6.84 -47.97
CA LYS A 1072 -20.08 7.01 -46.55
C LYS A 1072 -21.22 6.42 -45.74
N PHE A 1073 -20.93 6.20 -44.45
CA PHE A 1073 -21.91 5.61 -43.54
C PHE A 1073 -23.10 6.54 -43.33
N GLY A 1074 -24.26 5.95 -43.06
CA GLY A 1074 -25.40 6.73 -42.62
C GLY A 1074 -25.29 7.10 -41.16
N ASP A 1075 -26.07 8.13 -40.78
CA ASP A 1075 -26.03 8.61 -39.41
C ASP A 1075 -26.67 7.62 -38.44
N GLY A 1076 -27.85 7.11 -38.80
CA GLY A 1076 -28.53 6.14 -37.95
C GLY A 1076 -27.76 4.85 -37.80
N GLN A 1077 -27.09 4.42 -38.86
CA GLN A 1077 -26.30 3.18 -38.80
C GLN A 1077 -25.16 3.30 -37.79
N ILE A 1078 -24.40 4.39 -37.86
CA ILE A 1078 -23.29 4.57 -36.93
C ILE A 1078 -23.78 4.82 -35.52
N THR A 1079 -24.94 5.48 -35.36
CA THR A 1079 -25.49 5.68 -34.02
C THR A 1079 -25.92 4.35 -33.39
N ILE A 1080 -26.58 3.49 -34.18
CA ILE A 1080 -26.99 2.18 -33.69
C ILE A 1080 -25.77 1.33 -33.36
N SER A 1081 -24.73 1.40 -34.19
CA SER A 1081 -23.51 0.64 -33.92
C SER A 1081 -22.86 1.10 -32.61
N GLY A 1082 -22.78 2.42 -32.40
CA GLY A 1082 -22.19 2.93 -31.17
C GLY A 1082 -22.99 2.54 -29.94
N MET A 1083 -24.32 2.63 -30.03
CA MET A 1083 -25.16 2.24 -28.90
C MET A 1083 -25.02 0.76 -28.58
N LEU A 1084 -24.95 -0.10 -29.61
CA LEU A 1084 -24.80 -1.53 -29.37
C LEU A 1084 -23.43 -1.84 -28.77
N MET A 1085 -22.39 -1.15 -29.22
CA MET A 1085 -21.06 -1.36 -28.62
C MET A 1085 -21.04 -0.92 -27.16
N SER A 1086 -21.70 0.20 -26.84
CA SER A 1086 -21.77 0.62 -25.45
C SER A 1086 -22.56 -0.37 -24.59
N VAL A 1087 -23.64 -0.94 -25.15
CA VAL A 1087 -24.41 -1.94 -24.44
C VAL A 1087 -23.55 -3.17 -24.15
N CYS A 1088 -22.78 -3.62 -25.15
CA CYS A 1088 -21.91 -4.78 -24.94
C CYS A 1088 -20.82 -4.49 -23.91
N PHE A 1089 -20.27 -3.28 -23.94
CA PHE A 1089 -19.26 -2.91 -22.93
C PHE A 1089 -19.85 -2.91 -21.53
N LEU A 1090 -21.08 -2.41 -21.37
CA LEU A 1090 -21.72 -2.45 -20.06
C LEU A 1090 -22.00 -3.88 -19.62
N SER A 1091 -22.42 -4.73 -20.57
CA SER A 1091 -22.81 -6.10 -20.21
C SER A 1091 -21.61 -7.01 -19.93
N ILE A 1092 -20.44 -6.70 -20.47
CA ILE A 1092 -19.30 -7.61 -20.31
C ILE A 1092 -18.52 -7.38 -19.03
N SER A 1093 -18.73 -6.25 -18.35
CA SER A 1093 -17.86 -5.86 -17.24
C SER A 1093 -18.18 -6.54 -15.92
N ARG A 1094 -19.28 -7.30 -15.83
CA ARG A 1094 -19.68 -7.93 -14.57
C ARG A 1094 -19.12 -9.35 -14.50
N ALA A 1095 -17.95 -9.47 -13.87
CA ALA A 1095 -17.28 -10.75 -13.69
C ALA A 1095 -16.71 -10.84 -12.28
N ARG A 1096 -16.57 -12.06 -11.78
CA ARG A 1096 -16.04 -12.32 -10.45
C ARG A 1096 -14.94 -13.38 -10.52
N SER A 1097 -14.24 -13.54 -9.41
CA SER A 1097 -13.03 -14.36 -9.35
C SER A 1097 -13.31 -15.75 -8.79
N VAL A 1098 -12.34 -16.64 -8.98
CA VAL A 1098 -12.43 -18.01 -8.52
C VAL A 1098 -12.05 -18.09 -7.04
N GLU A 1099 -12.28 -19.25 -6.43
CA GLU A 1099 -12.10 -19.44 -4.99
C GLU A 1099 -10.70 -19.91 -4.61
N GLY A 1100 -9.73 -19.84 -5.51
CA GLY A 1100 -8.39 -20.29 -5.15
C GLY A 1100 -7.35 -19.71 -6.09
N LEU A 1101 -6.09 -19.81 -5.64
CA LEU A 1101 -4.97 -19.36 -6.44
C LEU A 1101 -4.61 -20.40 -7.49
N SER A 1102 -3.81 -19.98 -8.46
CA SER A 1102 -3.43 -20.84 -9.58
C SER A 1102 -1.94 -20.72 -9.84
N LYS A 1103 -1.38 -21.75 -10.47
CA LYS A 1103 0.05 -21.79 -10.76
C LYS A 1103 0.44 -20.83 -11.89
N GLU A 1104 -0.51 -20.43 -12.73
CA GLU A 1104 -0.23 -19.60 -13.89
C GLU A 1104 -0.26 -18.13 -13.48
N ARG A 1105 0.82 -17.40 -13.80
CA ARG A 1105 0.87 -15.98 -13.46
C ARG A 1105 0.58 -15.13 -14.69
N PRO A 1106 -0.10 -13.99 -14.53
CA PRO A 1106 -0.41 -13.14 -15.67
C PRO A 1106 0.76 -12.24 -16.03
N GLN A 1107 0.71 -11.73 -17.27
CA GLN A 1107 1.74 -10.82 -17.75
C GLN A 1107 1.55 -9.44 -17.11
N PRO A 1108 2.64 -8.75 -16.75
CA PRO A 1108 2.52 -7.49 -16.02
C PRO A 1108 2.49 -6.24 -16.90
N ASN A 1109 2.83 -6.36 -18.18
CA ASN A 1109 2.94 -5.21 -19.05
C ASN A 1109 2.28 -5.49 -20.39
N ILE A 1110 2.19 -4.45 -21.21
CA ILE A 1110 1.51 -4.55 -22.50
C ILE A 1110 2.40 -5.25 -23.52
N PHE A 1111 3.60 -4.72 -23.73
CA PHE A 1111 4.47 -5.16 -24.82
C PHE A 1111 5.08 -6.52 -24.48
N ASN A 1112 4.49 -7.57 -25.03
CA ASN A 1112 5.04 -8.92 -24.91
C ASN A 1112 4.72 -9.66 -26.21
N PHE A 1113 4.89 -10.97 -26.20
CA PHE A 1113 4.61 -11.80 -27.37
C PHE A 1113 3.21 -12.39 -27.36
N TYR A 1114 2.37 -12.00 -26.40
CA TYR A 1114 1.00 -12.48 -26.33
C TYR A 1114 -0.02 -11.46 -26.80
N ILE A 1115 0.06 -10.22 -26.31
CA ILE A 1115 -0.90 -9.19 -26.72
C ILE A 1115 -0.68 -8.79 -28.18
N ILE A 1116 0.57 -8.52 -28.54
CA ILE A 1116 0.88 -8.02 -29.88
C ILE A 1116 0.58 -9.06 -30.93
N GLY A 1117 0.97 -10.32 -30.68
CA GLY A 1117 0.72 -11.37 -31.66
C GLY A 1117 -0.75 -11.63 -31.88
N SER A 1118 -1.54 -11.68 -30.79
CA SER A 1118 -2.98 -11.88 -30.93
C SER A 1118 -3.64 -10.72 -31.64
N ILE A 1119 -3.24 -9.49 -31.31
CA ILE A 1119 -3.80 -8.30 -31.97
C ILE A 1119 -3.50 -8.34 -33.47
N LEU A 1120 -2.24 -8.64 -33.82
CA LEU A 1120 -1.86 -8.67 -35.24
C LEU A 1120 -2.58 -9.78 -35.99
N GLY A 1121 -2.70 -10.97 -35.40
CA GLY A 1121 -3.38 -12.06 -36.07
C GLY A 1121 -4.85 -11.78 -36.30
N GLN A 1122 -5.55 -11.29 -35.27
CA GLN A 1122 -6.97 -11.02 -35.42
C GLN A 1122 -7.21 -9.85 -36.38
N PHE A 1123 -6.35 -8.83 -36.33
CA PHE A 1123 -6.48 -7.71 -37.26
C PHE A 1123 -6.24 -8.14 -38.70
N ALA A 1124 -5.26 -9.03 -38.93
CA ALA A 1124 -5.01 -9.53 -40.28
C ALA A 1124 -6.19 -10.35 -40.79
N VAL A 1125 -6.77 -11.20 -39.93
CA VAL A 1125 -7.95 -11.97 -40.34
C VAL A 1125 -9.10 -11.05 -40.69
N HIS A 1126 -9.35 -10.03 -39.86
CA HIS A 1126 -10.46 -9.12 -40.09
C HIS A 1126 -10.26 -8.31 -41.38
N VAL A 1127 -9.03 -7.83 -41.62
CA VAL A 1127 -8.81 -7.03 -42.82
C VAL A 1127 -8.87 -7.89 -44.07
N ALA A 1128 -8.42 -9.14 -44.02
CA ALA A 1128 -8.56 -10.03 -45.16
C ALA A 1128 -10.03 -10.32 -45.46
N THR A 1129 -10.82 -10.55 -44.40
CA THR A 1129 -12.26 -10.72 -44.55
C THR A 1129 -12.91 -9.52 -45.22
N LEU A 1130 -12.58 -8.32 -44.74
CA LEU A 1130 -13.19 -7.10 -45.27
C LEU A 1130 -12.78 -6.87 -46.73
N ILE A 1131 -11.51 -7.14 -47.06
CA ILE A 1131 -11.04 -6.97 -48.43
C ILE A 1131 -11.77 -7.93 -49.37
N TYR A 1132 -11.93 -9.19 -48.94
CA TYR A 1132 -12.63 -10.16 -49.78
C TYR A 1132 -14.09 -9.78 -49.98
N ILE A 1133 -14.75 -9.32 -48.91
CA ILE A 1133 -16.16 -8.93 -49.03
C ILE A 1133 -16.31 -7.73 -49.95
N ALA A 1134 -15.42 -6.74 -49.82
CA ALA A 1134 -15.48 -5.57 -50.70
C ALA A 1134 -15.24 -5.94 -52.15
N GLN A 1135 -14.27 -6.83 -52.41
CA GLN A 1135 -14.00 -7.24 -53.78
C GLN A 1135 -15.17 -8.01 -54.37
N LEU A 1136 -15.81 -8.89 -53.57
CA LEU A 1136 -16.97 -9.63 -54.07
C LEU A 1136 -18.14 -8.69 -54.35
N CYS A 1137 -18.37 -7.70 -53.48
CA CYS A 1137 -19.44 -6.75 -53.72
C CYS A 1137 -19.17 -5.88 -54.94
N ASP A 1138 -17.90 -5.55 -55.20
CA ASP A 1138 -17.56 -4.86 -56.44
C ASP A 1138 -17.78 -5.74 -57.65
N GLN A 1139 -17.50 -7.04 -57.52
CA GLN A 1139 -17.71 -7.97 -58.63
C GLN A 1139 -19.19 -8.14 -58.95
N ILE A 1140 -20.05 -8.13 -57.93
CA ILE A 1140 -21.48 -8.30 -58.16
C ILE A 1140 -22.06 -7.07 -58.86
N GLU A 1141 -21.96 -5.90 -58.23
CA GLU A 1141 -22.48 -4.67 -58.80
C GLU A 1141 -21.32 -3.74 -59.15
N PRO A 1142 -21.01 -3.54 -60.43
CA PRO A 1142 -19.94 -2.61 -60.78
C PRO A 1142 -20.36 -1.16 -60.57
N ARG A 1143 -19.35 -0.30 -60.43
CA ARG A 1143 -19.58 1.13 -60.26
C ARG A 1143 -18.81 1.93 -61.30
N GLU A 1152 -25.39 13.15 -51.61
CA GLU A 1152 -26.28 12.79 -50.51
C GLU A 1152 -26.31 11.27 -50.32
N PHE A 1153 -26.50 10.84 -49.08
CA PHE A 1153 -26.43 9.41 -48.76
C PHE A 1153 -27.65 8.67 -49.29
N LYS A 1154 -27.42 7.55 -49.96
CA LYS A 1154 -28.47 6.66 -50.43
C LYS A 1154 -28.05 5.22 -50.13
N PRO A 1155 -29.01 4.34 -49.89
CA PRO A 1155 -28.66 2.94 -49.59
C PRO A 1155 -28.07 2.23 -50.80
N SER A 1156 -27.22 1.25 -50.51
CA SER A 1156 -26.54 0.47 -51.55
C SER A 1156 -26.14 -0.87 -50.96
N LEU A 1157 -25.66 -1.75 -51.83
CA LEU A 1157 -25.25 -3.09 -51.41
C LEU A 1157 -23.96 -3.07 -50.61
N LEU A 1158 -22.97 -2.31 -51.08
CA LEU A 1158 -21.66 -2.27 -50.41
C LEU A 1158 -21.77 -1.70 -49.01
N ASN A 1159 -22.56 -0.64 -48.84
CA ASN A 1159 -22.74 -0.01 -47.53
C ASN A 1159 -23.32 -1.01 -46.53
N SER A 1160 -24.39 -1.70 -46.92
CA SER A 1160 -25.03 -2.66 -46.02
C SER A 1160 -24.11 -3.82 -45.71
N ALA A 1161 -23.39 -4.33 -46.72
CA ALA A 1161 -22.48 -5.46 -46.50
C ALA A 1161 -21.36 -5.08 -45.53
N VAL A 1162 -20.75 -3.92 -45.73
CA VAL A 1162 -19.66 -3.48 -44.86
C VAL A 1162 -20.18 -3.21 -43.45
N TYR A 1163 -21.36 -2.61 -43.34
CA TYR A 1163 -21.94 -2.34 -42.02
C TYR A 1163 -22.21 -3.63 -41.26
N LEU A 1164 -22.81 -4.62 -41.92
CA LEU A 1164 -23.09 -5.89 -41.26
C LEU A 1164 -21.80 -6.60 -40.88
N LEU A 1165 -20.80 -6.59 -41.76
CA LEU A 1165 -19.54 -7.25 -41.46
C LEU A 1165 -18.83 -6.60 -40.28
N GLN A 1166 -18.82 -5.27 -40.22
CA GLN A 1166 -18.14 -4.60 -39.12
C GLN A 1166 -18.89 -4.77 -37.80
N LEU A 1167 -20.22 -4.83 -37.84
CA LEU A 1167 -20.98 -5.12 -36.61
C LEU A 1167 -20.68 -6.53 -36.11
N ILE A 1168 -20.65 -7.50 -37.03
CA ILE A 1168 -20.39 -8.88 -36.63
C ILE A 1168 -18.98 -9.04 -36.09
N GLN A 1169 -18.01 -8.35 -36.71
CA GLN A 1169 -16.64 -8.42 -36.21
C GLN A 1169 -16.49 -7.73 -34.86
N GLN A 1170 -17.20 -6.62 -34.65
CA GLN A 1170 -17.14 -5.93 -33.36
C GLN A 1170 -17.84 -6.72 -32.26
N ILE A 1171 -18.74 -7.62 -32.60
CA ILE A 1171 -19.29 -8.54 -31.60
C ILE A 1171 -18.38 -9.75 -31.39
N SER A 1172 -17.77 -10.24 -32.46
CA SER A 1172 -16.88 -11.40 -32.36
C SER A 1172 -15.62 -11.08 -31.55
N THR A 1173 -15.13 -9.84 -31.63
CA THR A 1173 -13.97 -9.48 -30.82
C THR A 1173 -14.32 -9.35 -29.35
N PHE A 1174 -15.59 -9.15 -29.00
CA PHE A 1174 -16.02 -9.28 -27.62
C PHE A 1174 -16.14 -10.74 -27.21
N ALA A 1175 -16.63 -11.58 -28.12
CA ALA A 1175 -16.86 -12.98 -27.78
C ALA A 1175 -15.55 -13.75 -27.62
N VAL A 1176 -14.53 -13.41 -28.41
CA VAL A 1176 -13.32 -14.22 -28.45
C VAL A 1176 -12.32 -13.79 -27.39
N ASN A 1177 -12.16 -12.48 -27.20
CA ASN A 1177 -11.07 -11.94 -26.38
C ASN A 1177 -11.44 -11.79 -24.91
N TYR A 1178 -12.34 -12.62 -24.41
CA TYR A 1178 -12.73 -12.59 -23.00
C TYR A 1178 -11.82 -13.52 -22.21
N GLN A 1179 -11.11 -12.97 -21.23
CA GLN A 1179 -10.21 -13.74 -20.38
C GLN A 1179 -11.03 -14.53 -19.37
N GLY A 1180 -10.99 -15.85 -19.47
CA GLY A 1180 -11.91 -16.68 -18.72
C GLY A 1180 -11.34 -17.57 -17.63
N ARG A 1181 -11.20 -18.86 -17.94
CA ARG A 1181 -11.09 -20.00 -17.03
C ARG A 1181 -10.14 -19.83 -15.83
N PRO A 1182 -8.84 -19.56 -16.02
CA PRO A 1182 -7.90 -19.76 -14.90
C PRO A 1182 -8.05 -18.77 -13.76
N PHE A 1183 -8.41 -17.52 -14.05
CA PHE A 1183 -8.45 -16.48 -13.03
C PHE A 1183 -9.86 -16.06 -12.65
N ARG A 1184 -10.71 -15.80 -13.63
CA ARG A 1184 -12.06 -15.33 -13.39
C ARG A 1184 -13.08 -16.37 -13.83
N GLU A 1185 -14.36 -16.04 -13.66
CA GLU A 1185 -15.42 -16.96 -14.07
C GLU A 1185 -15.49 -17.03 -15.58
N SER A 1186 -15.89 -18.20 -16.08
CA SER A 1186 -15.93 -18.45 -17.51
C SER A 1186 -17.10 -17.70 -18.15
N LEU A 1187 -17.08 -17.63 -19.48
CA LEU A 1187 -18.13 -16.94 -20.22
C LEU A 1187 -19.48 -17.66 -20.07
N SER A 1188 -19.46 -18.98 -20.11
CA SER A 1188 -20.70 -19.76 -20.07
C SER A 1188 -21.28 -19.89 -18.67
N GLU A 1189 -20.50 -19.58 -17.64
CA GLU A 1189 -20.99 -19.75 -16.26
C GLU A 1189 -22.06 -18.72 -15.92
N ASN A 1190 -21.81 -17.45 -16.26
CA ASN A 1190 -22.73 -16.38 -15.91
C ASN A 1190 -23.69 -16.09 -17.05
N LYS A 1191 -24.95 -15.87 -16.71
CA LYS A 1191 -25.97 -15.51 -17.69
C LYS A 1191 -25.86 -14.04 -18.12
N GLY A 1192 -25.24 -13.20 -17.29
CA GLY A 1192 -25.33 -11.76 -17.50
C GLY A 1192 -24.70 -11.29 -18.79
N MET A 1193 -23.50 -11.77 -19.09
CA MET A 1193 -22.86 -11.43 -20.36
C MET A 1193 -23.19 -12.40 -21.48
N PHE A 1194 -23.54 -13.65 -21.15
CA PHE A 1194 -23.89 -14.62 -22.18
C PHE A 1194 -25.17 -14.22 -22.90
N TYR A 1195 -26.21 -13.84 -22.13
CA TYR A 1195 -27.44 -13.38 -22.74
C TYR A 1195 -27.24 -12.09 -23.52
N GLY A 1196 -26.41 -11.18 -22.98
CA GLY A 1196 -26.15 -9.93 -23.68
C GLY A 1196 -25.45 -10.12 -25.02
N ILE A 1197 -24.48 -11.06 -25.07
CA ILE A 1197 -23.81 -11.35 -26.33
C ILE A 1197 -24.75 -12.07 -27.29
N VAL A 1198 -25.52 -13.04 -26.76
CA VAL A 1198 -26.38 -13.87 -27.61
C VAL A 1198 -27.48 -13.02 -28.24
N GLY A 1199 -28.06 -12.09 -27.48
CA GLY A 1199 -29.14 -11.27 -28.01
C GLY A 1199 -28.70 -10.38 -29.15
N VAL A 1200 -27.57 -9.70 -28.99
CA VAL A 1200 -27.10 -8.81 -30.06
C VAL A 1200 -26.59 -9.63 -31.25
N THR A 1201 -26.00 -10.80 -31.02
CA THR A 1201 -25.59 -11.65 -32.13
C THR A 1201 -26.80 -12.13 -32.92
N ALA A 1202 -27.87 -12.53 -32.23
CA ALA A 1202 -29.09 -12.97 -32.90
C ALA A 1202 -29.74 -11.81 -33.66
N ILE A 1203 -29.71 -10.60 -33.08
CA ILE A 1203 -30.28 -9.43 -33.75
C ILE A 1203 -29.52 -9.14 -35.04
N ALA A 1204 -28.19 -9.15 -34.97
CA ALA A 1204 -27.37 -8.89 -36.15
C ALA A 1204 -27.57 -9.96 -37.22
N PHE A 1205 -27.62 -11.23 -36.81
CA PHE A 1205 -27.81 -12.31 -37.78
C PHE A 1205 -29.21 -12.24 -38.41
N ALA A 1206 -30.23 -11.93 -37.61
CA ALA A 1206 -31.58 -11.80 -38.15
C ALA A 1206 -31.68 -10.64 -39.12
N CYS A 1207 -30.99 -9.54 -38.84
CA CYS A 1207 -30.91 -8.46 -39.81
C CYS A 1207 -30.14 -8.88 -41.05
N SER A 1208 -29.18 -9.79 -40.91
CA SER A 1208 -28.42 -10.27 -42.05
C SER A 1208 -29.24 -11.17 -42.95
N THR A 1209 -29.97 -12.12 -42.36
CA THR A 1209 -30.74 -13.11 -43.12
C THR A 1209 -32.21 -12.74 -43.26
N GLU A 1210 -32.59 -11.52 -42.84
CA GLU A 1210 -33.93 -10.97 -43.06
C GLU A 1210 -35.02 -11.81 -42.39
N MET A 1211 -34.79 -12.16 -41.12
CA MET A 1211 -35.86 -12.78 -40.33
C MET A 1211 -36.99 -11.80 -40.07
N LEU A 1212 -36.65 -10.54 -39.78
CA LEU A 1212 -37.64 -9.49 -39.52
C LEU A 1212 -37.36 -8.34 -40.48
N PRO A 1213 -38.00 -8.33 -41.66
CA PRO A 1213 -37.76 -7.26 -42.63
C PRO A 1213 -38.18 -5.87 -42.16
N GLU A 1214 -39.03 -5.77 -41.13
CA GLU A 1214 -39.40 -4.46 -40.60
C GLU A 1214 -38.20 -3.75 -39.97
N LEU A 1215 -37.33 -4.50 -39.30
CA LEU A 1215 -36.14 -3.91 -38.68
C LEU A 1215 -35.11 -3.45 -39.70
N ASN A 1216 -35.20 -3.94 -40.95
CA ASN A 1216 -34.20 -3.57 -41.95
C ASN A 1216 -34.29 -2.10 -42.32
N GLU A 1217 -35.51 -1.56 -42.40
CA GLU A 1217 -35.69 -0.17 -42.83
C GLU A 1217 -35.24 0.84 -41.78
N ALA A 1218 -35.03 0.41 -40.53
CA ALA A 1218 -34.53 1.33 -39.52
C ALA A 1218 -33.07 1.69 -39.77
N MET A 1219 -32.29 0.76 -40.31
CA MET A 1219 -30.87 0.97 -40.58
C MET A 1219 -30.57 1.15 -42.05
N LYS A 1220 -31.61 1.30 -42.89
CA LYS A 1220 -31.48 1.62 -44.31
C LYS A 1220 -30.66 0.57 -45.06
N LEU A 1221 -31.15 -0.66 -45.06
CA LEU A 1221 -30.44 -1.78 -45.68
C LEU A 1221 -31.15 -2.20 -46.96
N VAL A 1222 -30.38 -2.34 -48.03
CA VAL A 1222 -30.92 -2.84 -49.30
C VAL A 1222 -31.13 -4.35 -49.19
N PRO A 1223 -32.29 -4.88 -49.57
CA PRO A 1223 -32.50 -6.33 -49.49
C PRO A 1223 -31.56 -7.10 -50.40
N PHE A 1224 -31.15 -8.28 -49.95
CA PHE A 1224 -30.22 -9.13 -50.67
C PHE A 1224 -30.96 -10.25 -51.39
N ASN A 1225 -30.20 -11.05 -52.12
CA ASN A 1225 -30.66 -12.30 -52.68
C ASN A 1225 -30.11 -13.47 -51.85
N GLU A 1226 -30.33 -14.69 -52.32
CA GLU A 1226 -30.03 -15.87 -51.51
C GLU A 1226 -28.53 -16.18 -51.49
N ASN A 1227 -27.89 -16.17 -52.67
CA ASN A 1227 -26.49 -16.59 -52.75
C ASN A 1227 -25.56 -15.64 -51.99
N PHE A 1228 -25.80 -14.33 -52.11
CA PHE A 1228 -24.99 -13.37 -51.37
C PHE A 1228 -25.17 -13.53 -49.87
N LYS A 1229 -26.40 -13.83 -49.43
CA LYS A 1229 -26.65 -14.13 -48.03
C LYS A 1229 -25.86 -15.35 -47.57
N THR A 1230 -25.83 -16.40 -48.39
CA THR A 1230 -25.09 -17.61 -48.05
C THR A 1230 -23.60 -17.32 -47.93
N ILE A 1231 -23.05 -16.57 -48.88
CA ILE A 1231 -21.62 -16.22 -48.82
C ILE A 1231 -21.32 -15.38 -47.60
N MET A 1232 -22.20 -14.42 -47.27
CA MET A 1232 -21.96 -13.55 -46.12
C MET A 1232 -21.97 -14.35 -44.83
N THR A 1233 -22.94 -15.27 -44.68
CA THR A 1233 -22.99 -16.10 -43.47
C THR A 1233 -21.77 -17.01 -43.35
N THR A 1234 -21.36 -17.63 -44.46
CA THR A 1234 -20.19 -18.51 -44.43
C THR A 1234 -18.93 -17.73 -44.08
N VAL A 1235 -18.77 -16.54 -44.64
CA VAL A 1235 -17.61 -15.70 -44.35
C VAL A 1235 -17.60 -15.27 -42.88
N MET A 1236 -18.77 -14.93 -42.34
CA MET A 1236 -18.87 -14.58 -40.92
C MET A 1236 -18.42 -15.74 -40.03
N ILE A 1237 -18.91 -16.95 -40.32
CA ILE A 1237 -18.56 -18.11 -39.51
C ILE A 1237 -17.07 -18.42 -39.61
N ILE A 1238 -16.51 -18.32 -40.82
CA ILE A 1238 -15.09 -18.58 -41.01
C ILE A 1238 -14.25 -17.57 -40.24
N ASP A 1239 -14.64 -16.29 -40.27
CA ASP A 1239 -13.91 -15.27 -39.53
C ASP A 1239 -13.93 -15.53 -38.04
N PHE A 1240 -15.10 -15.88 -37.50
CA PHE A 1240 -15.21 -16.14 -36.05
C PHE A 1240 -14.36 -17.35 -35.66
N VAL A 1241 -14.42 -18.43 -36.45
CA VAL A 1241 -13.66 -19.63 -36.12
C VAL A 1241 -12.15 -19.37 -36.18
N ALA A 1242 -11.70 -18.64 -37.20
CA ALA A 1242 -10.28 -18.35 -37.33
C ALA A 1242 -9.78 -17.49 -36.18
N CYS A 1243 -10.57 -16.48 -35.78
CA CYS A 1243 -10.17 -15.63 -34.66
C CYS A 1243 -10.09 -16.44 -33.37
N TYR A 1244 -11.07 -17.31 -33.12
CA TYR A 1244 -11.06 -18.14 -31.92
C TYR A 1244 -9.84 -19.06 -31.90
N VAL A 1245 -9.53 -19.68 -33.05
CA VAL A 1245 -8.41 -20.62 -33.10
C VAL A 1245 -7.09 -19.90 -32.85
N ILE A 1246 -6.90 -18.73 -33.48
CA ILE A 1246 -5.65 -18.00 -33.32
C ILE A 1246 -5.47 -17.56 -31.87
N GLU A 1247 -6.53 -17.01 -31.27
CA GLU A 1247 -6.42 -16.56 -29.88
C GLU A 1247 -6.19 -17.72 -28.92
N TRP A 1248 -6.85 -18.87 -29.14
CA TRP A 1248 -6.63 -20.01 -28.27
C TRP A 1248 -5.22 -20.54 -28.37
N VAL A 1249 -4.66 -20.62 -29.59
CA VAL A 1249 -3.30 -21.11 -29.76
C VAL A 1249 -2.30 -20.17 -29.08
N LEU A 1250 -2.47 -18.86 -29.28
CA LEU A 1250 -1.53 -17.92 -28.67
C LEU A 1250 -1.66 -17.89 -27.15
N LYS A 1251 -2.87 -18.05 -26.62
CA LYS A 1251 -3.04 -18.13 -25.16
C LYS A 1251 -2.40 -19.40 -24.61
N LYS A 1252 -2.56 -20.54 -25.29
CA LYS A 1252 -1.96 -21.78 -24.82
C LYS A 1252 -0.44 -21.72 -24.91
N LEU A 1253 0.11 -20.93 -25.84
CA LEU A 1253 1.56 -20.91 -26.01
C LEU A 1253 2.25 -19.87 -25.14
N PHE A 1254 1.88 -18.59 -25.25
CA PHE A 1254 2.70 -17.51 -24.73
C PHE A 1254 2.13 -16.78 -23.53
N SER A 1255 0.98 -17.20 -23.00
CA SER A 1255 0.35 -16.42 -21.93
C SER A 1255 1.05 -16.60 -20.58
N ASP A 1256 1.57 -17.80 -20.31
CA ASP A 1256 2.07 -18.11 -18.98
C ASP A 1256 3.41 -17.44 -18.74
N LEU A 1257 3.49 -16.65 -17.68
CA LEU A 1257 4.76 -16.11 -17.19
C LEU A 1257 5.27 -17.04 -16.10
N ARG A 1258 6.39 -17.71 -16.37
CA ARG A 1258 6.87 -18.77 -15.50
C ARG A 1258 7.39 -18.20 -14.17
N ALA A 1259 7.41 -19.06 -13.16
CA ALA A 1259 7.89 -18.67 -11.84
C ALA A 1259 9.39 -18.45 -11.86
N ARG A 1260 9.86 -17.67 -10.89
CA ARG A 1260 11.28 -17.36 -10.78
C ARG A 1260 12.06 -18.59 -10.31
N ASP A 1261 13.37 -18.45 -10.22
CA ASP A 1261 14.22 -19.55 -9.78
C ASP A 1261 14.09 -19.80 -8.29
N ILE A 1262 13.61 -18.82 -7.51
CA ILE A 1262 13.52 -18.98 -6.07
C ILE A 1262 12.26 -19.72 -5.65
N ALA A 1263 11.25 -19.81 -6.53
CA ALA A 1263 9.96 -20.39 -6.18
C ALA A 1263 9.73 -21.76 -6.80
N GLU A 1264 10.74 -22.34 -7.44
CA GLU A 1264 10.58 -23.63 -8.10
C GLU A 1264 10.73 -24.76 -7.10
N ARG A 1265 9.85 -25.76 -7.22
CA ARG A 1265 9.78 -26.86 -6.26
C ARG A 1265 10.50 -28.10 -6.78
N ARG A 1266 10.96 -28.92 -5.85
CA ARG A 1266 11.55 -30.21 -6.16
C ARG A 1266 10.45 -31.22 -6.49
N PRO A 1267 10.79 -32.29 -7.23
CA PRO A 1267 9.76 -33.28 -7.58
C PRO A 1267 9.11 -33.97 -6.38
N ASP A 1268 9.81 -34.07 -5.25
CA ASP A 1268 9.21 -34.67 -4.06
C ASP A 1268 8.02 -33.85 -3.57
N GLN A 1269 8.18 -32.52 -3.54
CA GLN A 1269 7.08 -31.66 -3.11
C GLN A 1269 5.93 -31.68 -4.12
N LEU A 1270 6.25 -31.77 -5.41
CA LEU A 1270 5.19 -31.89 -6.42
C LEU A 1270 4.41 -33.19 -6.24
N GLU A 1271 5.11 -34.30 -5.97
CA GLU A 1271 4.43 -35.57 -5.75
C GLU A 1271 3.57 -35.53 -4.49
N ARG A 1272 4.09 -34.91 -3.42
CA ARG A 1272 3.31 -34.79 -2.19
C ARG A 1272 2.07 -33.93 -2.40
N GLU A 1273 2.20 -32.83 -3.15
CA GLU A 1273 1.04 -32.00 -3.46
C GLU A 1273 0.02 -32.78 -4.29
N ARG A 1274 0.49 -33.55 -5.27
CA ARG A 1274 -0.43 -34.33 -6.11
C ARG A 1274 -1.19 -35.37 -5.30
N VAL A 1275 -0.49 -36.09 -4.43
CA VAL A 1275 -1.19 -37.12 -3.65
C VAL A 1275 -2.10 -36.49 -2.60
N ARG A 1276 -1.73 -35.31 -2.07
CA ARG A 1276 -2.63 -34.63 -1.13
C ARG A 1276 -3.90 -34.14 -1.82
N LYS A 1277 -3.77 -33.60 -3.04
CA LYS A 1277 -4.95 -33.19 -3.79
C LYS A 1277 -5.82 -34.39 -4.16
N GLU A 1278 -5.18 -35.51 -4.51
CA GLU A 1278 -5.93 -36.73 -4.78
C GLU A 1278 -6.69 -37.22 -3.55
N LYS A 1279 -6.05 -37.17 -2.38
CA LYS A 1279 -6.72 -37.56 -1.15
C LYS A 1279 -7.88 -36.63 -0.82
N GLU A 1280 -7.71 -35.33 -1.04
CA GLU A 1280 -8.79 -34.38 -0.79
C GLU A 1280 -9.96 -34.62 -1.75
N ALA A 1281 -9.66 -34.90 -3.02
CA ALA A 1281 -10.72 -35.21 -3.97
C ALA A 1281 -11.44 -36.49 -3.61
N ARG A 1282 -10.71 -37.49 -3.11
CA ARG A 1282 -11.33 -38.74 -2.65
C ARG A 1282 -12.23 -38.49 -1.44
N GLU A 1283 -11.77 -37.68 -0.50
CA GLU A 1283 -12.52 -37.39 0.71
C GLU A 1283 -13.63 -36.36 0.51
N LYS A 1284 -13.70 -35.74 -0.67
CA LYS A 1284 -14.76 -34.77 -0.92
C LYS A 1284 -16.14 -35.42 -0.89
N GLU A 1285 -16.26 -36.62 -1.47
CA GLU A 1285 -17.54 -37.32 -1.50
C GLU A 1285 -17.86 -37.93 -0.13
#